data_2RQP
#
_entry.id   2RQP
#
_entity_poly.entity_id   1
_entity_poly.type   'polypeptide(L)'
_entity_poly.pdbx_seq_one_letter_code
;GPGMASSPRPKMDAILTEAIKACFQKSGASVVAIRKYIIHKYPSLELERRGYLLKQALKRELNRGVIKQVKGKGASGSFV
VVQKSRKT
;
_entity_poly.pdbx_strand_id   A
#
# COMPACT_ATOMS: atom_id res chain seq x y z
N GLY A 1 -4.33 29.67 -1.13
CA GLY A 1 -4.07 30.14 0.26
C GLY A 1 -3.06 31.26 0.32
N PRO A 2 -2.71 31.73 1.52
CA PRO A 2 -1.75 32.82 1.70
C PRO A 2 -0.32 32.38 1.36
N GLY A 3 0.01 32.42 0.07
CA GLY A 3 1.33 32.02 -0.37
C GLY A 3 1.32 31.24 -1.66
N MET A 4 1.73 31.90 -2.75
CA MET A 4 1.75 31.26 -4.06
C MET A 4 2.84 30.19 -4.12
N ALA A 5 2.88 29.46 -5.23
CA ALA A 5 3.86 28.40 -5.42
C ALA A 5 3.71 27.33 -4.34
N SER A 6 2.82 26.38 -4.58
CA SER A 6 2.57 25.29 -3.64
C SER A 6 2.31 23.98 -4.37
N SER A 7 2.58 22.86 -3.71
CA SER A 7 2.36 21.54 -4.30
C SER A 7 1.46 20.70 -3.41
N PRO A 8 0.49 19.98 -4.01
CA PRO A 8 -0.43 19.12 -3.26
C PRO A 8 0.27 17.97 -2.56
N ARG A 9 -0.42 17.35 -1.62
CA ARG A 9 0.13 16.24 -0.86
C ARG A 9 0.13 14.96 -1.71
N PRO A 10 1.06 14.03 -1.42
CA PRO A 10 1.16 12.76 -2.17
C PRO A 10 -0.11 11.92 -2.06
N LYS A 11 -0.35 11.09 -3.06
CA LYS A 11 -1.52 10.22 -3.08
C LYS A 11 -1.16 8.79 -3.44
N MET A 12 -0.06 8.62 -4.16
CA MET A 12 0.42 7.33 -4.58
C MET A 12 0.48 6.34 -3.40
N ASP A 13 0.76 6.87 -2.22
CA ASP A 13 0.86 6.04 -1.03
C ASP A 13 -0.44 5.26 -0.81
N ALA A 14 -1.57 5.97 -0.90
CA ALA A 14 -2.87 5.34 -0.70
C ALA A 14 -3.28 4.52 -1.92
N ILE A 15 -2.83 4.94 -3.10
CA ILE A 15 -3.15 4.22 -4.33
C ILE A 15 -2.67 2.78 -4.21
N LEU A 16 -1.47 2.61 -3.66
CA LEU A 16 -0.89 1.29 -3.46
C LEU A 16 -1.42 0.66 -2.19
N THR A 17 -1.81 1.49 -1.22
CA THR A 17 -2.36 0.98 0.03
C THR A 17 -3.64 0.22 -0.27
N GLU A 18 -4.37 0.73 -1.25
CA GLU A 18 -5.61 0.12 -1.69
C GLU A 18 -5.31 -1.21 -2.37
N ALA A 19 -4.19 -1.27 -3.07
CA ALA A 19 -3.80 -2.48 -3.76
C ALA A 19 -3.50 -3.60 -2.78
N ILE A 20 -2.65 -3.31 -1.81
CA ILE A 20 -2.31 -4.31 -0.81
C ILE A 20 -3.53 -4.68 0.02
N LYS A 21 -4.26 -3.69 0.49
CA LYS A 21 -5.45 -3.95 1.31
C LYS A 21 -6.60 -4.55 0.48
N ALA A 22 -6.96 -3.86 -0.61
CA ALA A 22 -8.07 -4.32 -1.45
C ALA A 22 -7.68 -5.43 -2.44
N CYS A 23 -6.53 -5.30 -3.08
CA CYS A 23 -6.09 -6.27 -4.08
C CYS A 23 -5.55 -7.55 -3.46
N PHE A 24 -4.57 -7.44 -2.56
CA PHE A 24 -3.97 -8.61 -1.93
C PHE A 24 -4.99 -9.70 -1.63
N GLN A 25 -6.22 -9.29 -1.35
CA GLN A 25 -7.29 -10.23 -1.05
C GLN A 25 -8.02 -10.64 -2.32
N LYS A 26 -8.43 -9.65 -3.10
CA LYS A 26 -9.17 -9.90 -4.32
C LYS A 26 -8.29 -10.50 -5.43
N SER A 27 -7.13 -9.90 -5.66
CA SER A 27 -6.23 -10.37 -6.72
C SER A 27 -4.84 -10.78 -6.19
N GLY A 28 -4.48 -10.30 -5.01
CA GLY A 28 -3.17 -10.62 -4.47
C GLY A 28 -2.18 -9.51 -4.72
N ALA A 29 -1.31 -9.23 -3.75
CA ALA A 29 -0.33 -8.16 -3.90
C ALA A 29 1.11 -8.67 -3.76
N SER A 30 1.86 -8.57 -4.85
CA SER A 30 3.25 -9.00 -4.89
C SER A 30 4.10 -7.93 -5.57
N VAL A 31 5.41 -8.14 -5.59
CA VAL A 31 6.31 -7.18 -6.24
C VAL A 31 5.89 -6.91 -7.67
N VAL A 32 5.50 -7.98 -8.38
CA VAL A 32 5.06 -7.86 -9.76
C VAL A 32 3.74 -7.10 -9.87
N ALA A 33 2.82 -7.41 -8.96
CA ALA A 33 1.51 -6.75 -8.95
C ALA A 33 1.66 -5.24 -8.92
N ILE A 34 2.51 -4.75 -8.02
CA ILE A 34 2.75 -3.32 -7.90
C ILE A 34 3.46 -2.79 -9.14
N ARG A 35 4.46 -3.54 -9.61
CA ARG A 35 5.23 -3.15 -10.78
C ARG A 35 4.34 -3.09 -12.02
N LYS A 36 3.66 -4.19 -12.29
CA LYS A 36 2.76 -4.25 -13.45
C LYS A 36 1.71 -3.16 -13.37
N TYR A 37 1.36 -2.79 -12.14
CA TYR A 37 0.37 -1.75 -11.92
C TYR A 37 0.89 -0.39 -12.37
N ILE A 38 2.10 -0.04 -11.96
CA ILE A 38 2.68 1.22 -12.39
C ILE A 38 2.85 1.21 -13.91
N ILE A 39 3.29 0.08 -14.43
CA ILE A 39 3.50 -0.08 -15.86
C ILE A 39 2.20 0.03 -16.63
N HIS A 40 1.22 -0.78 -16.25
CA HIS A 40 -0.07 -0.79 -16.93
C HIS A 40 -0.97 0.37 -16.50
N LYS A 41 -1.05 0.60 -15.19
CA LYS A 41 -1.93 1.65 -14.67
C LYS A 41 -1.38 3.07 -14.84
N TYR A 42 -0.07 3.26 -14.72
CA TYR A 42 0.50 4.62 -14.84
C TYR A 42 1.70 4.71 -15.78
N PRO A 43 2.05 5.94 -16.19
CA PRO A 43 3.19 6.20 -17.08
C PRO A 43 4.49 6.35 -16.29
N SER A 44 4.36 6.83 -15.06
CA SER A 44 5.48 7.02 -14.14
C SER A 44 6.34 5.76 -14.02
N LEU A 45 5.78 4.64 -14.45
CA LEU A 45 6.46 3.35 -14.35
C LEU A 45 7.90 3.43 -14.83
N GLU A 46 8.20 4.38 -15.69
CA GLU A 46 9.57 4.53 -16.19
C GLU A 46 10.54 4.60 -15.02
N LEU A 47 10.33 5.59 -14.18
CA LEU A 47 11.16 5.80 -12.98
C LEU A 47 10.81 4.78 -11.90
N GLU A 48 9.52 4.63 -11.65
CA GLU A 48 8.99 3.73 -10.63
C GLU A 48 9.38 2.27 -10.87
N ARG A 49 9.57 1.89 -12.13
CA ARG A 49 9.90 0.51 -12.46
C ARG A 49 11.13 0.04 -11.73
N ARG A 50 11.94 0.95 -11.23
CA ARG A 50 13.11 0.56 -10.48
C ARG A 50 12.70 0.12 -9.09
N GLY A 51 11.42 -0.27 -8.96
CA GLY A 51 10.89 -0.70 -7.68
C GLY A 51 11.34 0.21 -6.58
N TYR A 52 11.48 1.49 -6.91
CA TYR A 52 11.94 2.47 -5.95
C TYR A 52 10.83 2.90 -5.01
N LEU A 53 9.77 3.45 -5.58
CA LEU A 53 8.64 3.92 -4.79
C LEU A 53 7.68 2.79 -4.43
N LEU A 54 7.32 1.99 -5.42
CA LEU A 54 6.36 0.90 -5.21
C LEU A 54 6.94 -0.32 -4.52
N LYS A 55 8.09 -0.83 -4.99
CA LYS A 55 8.69 -2.00 -4.38
C LYS A 55 9.08 -1.69 -2.95
N GLN A 56 9.63 -0.51 -2.74
CA GLN A 56 10.02 -0.12 -1.40
C GLN A 56 8.81 -0.14 -0.47
N ALA A 57 7.70 0.38 -0.95
CA ALA A 57 6.49 0.39 -0.16
C ALA A 57 5.90 -1.01 -0.01
N LEU A 58 5.75 -1.70 -1.14
CA LEU A 58 5.21 -3.05 -1.13
C LEU A 58 6.16 -3.98 -0.39
N LYS A 59 7.42 -3.96 -0.80
CA LYS A 59 8.44 -4.81 -0.18
C LYS A 59 8.71 -4.38 1.25
N ARG A 60 8.58 -3.09 1.59
CA ARG A 60 8.83 -2.67 2.96
C ARG A 60 7.92 -3.43 3.91
N GLU A 61 6.70 -3.71 3.45
CA GLU A 61 5.74 -4.45 4.24
C GLU A 61 6.18 -5.90 4.32
N LEU A 62 6.52 -6.47 3.17
CA LEU A 62 6.98 -7.84 3.09
C LEU A 62 8.27 -8.02 3.89
N ASN A 63 9.18 -7.05 3.74
CA ASN A 63 10.44 -7.09 4.47
C ASN A 63 10.22 -6.90 5.96
N ARG A 64 9.10 -6.30 6.32
CA ARG A 64 8.77 -6.07 7.73
C ARG A 64 8.12 -7.29 8.35
N GLY A 65 7.16 -7.88 7.65
CA GLY A 65 6.48 -9.05 8.16
C GLY A 65 5.69 -9.76 7.09
N VAL A 66 6.21 -9.79 5.88
CA VAL A 66 5.54 -10.45 4.77
C VAL A 66 4.22 -9.76 4.41
N ILE A 67 4.20 -8.43 4.56
CA ILE A 67 3.01 -7.64 4.26
C ILE A 67 1.76 -8.28 4.83
N LYS A 68 1.89 -8.90 6.00
CA LYS A 68 0.78 -9.56 6.65
C LYS A 68 0.39 -8.82 7.93
N GLN A 69 0.53 -7.48 7.91
CA GLN A 69 0.20 -6.67 9.07
C GLN A 69 -0.25 -5.27 8.64
N VAL A 70 -1.56 -5.02 8.73
CA VAL A 70 -2.11 -3.72 8.36
C VAL A 70 -2.07 -2.77 9.55
N LYS A 71 -2.50 -3.26 10.71
CA LYS A 71 -2.53 -2.46 11.93
C LYS A 71 -1.67 -3.10 13.02
N GLY A 72 -1.68 -2.49 14.20
CA GLY A 72 -0.90 -3.02 15.30
C GLY A 72 -1.49 -4.30 15.88
N LYS A 73 -1.09 -4.62 17.11
CA LYS A 73 -1.58 -5.82 17.77
C LYS A 73 -2.02 -5.50 19.20
N GLY A 74 -2.86 -4.49 19.34
CA GLY A 74 -3.34 -4.10 20.65
C GLY A 74 -4.01 -2.74 20.64
N ALA A 75 -3.26 -1.71 21.02
CA ALA A 75 -3.79 -0.35 21.05
C ALA A 75 -4.47 0.01 19.72
N SER A 76 -4.01 -0.64 18.66
CA SER A 76 -4.57 -0.42 17.33
C SER A 76 -5.85 -1.22 17.15
N GLY A 77 -6.23 -1.45 15.90
CA GLY A 77 -7.44 -2.21 15.62
C GLY A 77 -7.25 -3.70 15.83
N SER A 78 -6.71 -4.07 16.99
CA SER A 78 -6.47 -5.47 17.31
C SER A 78 -5.54 -6.12 16.28
N PHE A 79 -5.32 -7.43 16.44
CA PHE A 79 -4.45 -8.16 15.53
C PHE A 79 -5.02 -8.17 14.12
N VAL A 80 -4.39 -7.41 13.22
CA VAL A 80 -4.84 -7.34 11.83
C VAL A 80 -3.78 -7.88 10.88
N VAL A 81 -4.23 -8.63 9.88
CA VAL A 81 -3.31 -9.21 8.90
C VAL A 81 -3.91 -9.17 7.50
N VAL A 82 -3.90 -7.98 6.90
CA VAL A 82 -4.43 -7.79 5.55
C VAL A 82 -5.87 -8.31 5.47
N GLN A 83 -6.46 -8.23 4.29
CA GLN A 83 -7.82 -8.71 4.08
C GLN A 83 -7.87 -10.22 4.01
N LYS A 84 -6.84 -10.79 3.42
CA LYS A 84 -6.73 -12.24 3.27
C LYS A 84 -6.74 -12.93 4.62
N SER A 85 -6.19 -12.26 5.61
CA SER A 85 -6.13 -12.81 6.96
C SER A 85 -6.50 -11.77 8.00
N ARG A 86 -7.39 -10.86 7.62
CA ARG A 86 -7.84 -9.81 8.52
C ARG A 86 -8.47 -10.39 9.78
N LYS A 87 -7.63 -10.68 10.77
CA LYS A 87 -8.11 -11.24 12.02
C LYS A 87 -8.98 -10.24 12.78
N THR A 88 -9.54 -10.69 13.91
CA THR A 88 -10.40 -9.84 14.71
C THR A 88 -9.66 -9.33 15.95
N GLY A 1 -0.64 35.16 8.91
CA GLY A 1 -0.28 34.37 10.12
C GLY A 1 1.19 34.49 10.49
N PRO A 2 1.52 34.37 11.77
CA PRO A 2 2.91 34.48 12.25
C PRO A 2 3.75 33.26 11.86
N GLY A 3 3.89 33.04 10.56
CA GLY A 3 4.66 31.91 10.09
C GLY A 3 3.85 30.63 10.02
N MET A 4 4.44 29.57 9.48
CA MET A 4 3.77 28.29 9.36
C MET A 4 4.73 27.14 9.61
N ALA A 5 4.25 25.91 9.42
CA ALA A 5 5.07 24.73 9.63
C ALA A 5 4.35 23.47 9.14
N SER A 6 4.64 23.08 7.90
CA SER A 6 4.01 21.89 7.32
C SER A 6 4.67 21.54 5.99
N SER A 7 4.46 20.30 5.56
CA SER A 7 5.04 19.83 4.30
C SER A 7 3.99 19.10 3.46
N PRO A 8 4.15 19.11 2.13
CA PRO A 8 3.21 18.45 1.21
C PRO A 8 2.96 17.00 1.59
N ARG A 9 1.81 16.47 1.19
CA ARG A 9 1.46 15.09 1.50
C ARG A 9 1.10 14.32 0.21
N PRO A 10 1.93 13.34 -0.17
CA PRO A 10 1.69 12.54 -1.38
C PRO A 10 0.44 11.67 -1.27
N LYS A 11 0.02 11.09 -2.38
CA LYS A 11 -1.16 10.23 -2.40
C LYS A 11 -0.85 8.88 -3.05
N MET A 12 0.28 8.80 -3.74
CA MET A 12 0.70 7.59 -4.42
C MET A 12 0.84 6.43 -3.44
N ASP A 13 1.24 6.75 -2.21
CA ASP A 13 1.42 5.72 -1.18
C ASP A 13 0.11 4.96 -0.94
N ALA A 14 -1.01 5.68 -0.96
CA ALA A 14 -2.31 5.07 -0.74
C ALA A 14 -2.78 4.31 -1.97
N ILE A 15 -2.37 4.77 -3.14
CA ILE A 15 -2.74 4.12 -4.39
C ILE A 15 -2.27 2.67 -4.37
N LEU A 16 -1.05 2.48 -3.87
CA LEU A 16 -0.47 1.16 -3.76
C LEU A 16 -0.95 0.45 -2.50
N THR A 17 -1.30 1.22 -1.47
CA THR A 17 -1.79 0.65 -0.23
C THR A 17 -3.11 -0.07 -0.50
N GLU A 18 -3.88 0.50 -1.42
CA GLU A 18 -5.15 -0.05 -1.82
C GLU A 18 -4.94 -1.37 -2.55
N ALA A 19 -3.92 -1.40 -3.42
CA ALA A 19 -3.62 -2.59 -4.18
C ALA A 19 -3.26 -3.73 -3.24
N ILE A 20 -2.39 -3.45 -2.29
CA ILE A 20 -1.97 -4.46 -1.32
C ILE A 20 -3.11 -4.76 -0.34
N LYS A 21 -3.78 -3.73 0.13
CA LYS A 21 -4.86 -3.92 1.09
C LYS A 21 -6.08 -4.58 0.45
N ALA A 22 -6.57 -4.00 -0.65
CA ALA A 22 -7.76 -4.53 -1.32
C ALA A 22 -7.48 -5.75 -2.21
N CYS A 23 -6.39 -5.69 -2.98
CA CYS A 23 -6.07 -6.78 -3.90
C CYS A 23 -5.44 -7.98 -3.21
N PHE A 24 -4.30 -7.79 -2.55
CA PHE A 24 -3.59 -8.87 -1.86
C PHE A 24 -4.54 -9.94 -1.29
N GLN A 25 -5.69 -9.49 -0.83
CA GLN A 25 -6.67 -10.41 -0.26
C GLN A 25 -7.67 -10.89 -1.30
N LYS A 26 -8.21 -9.94 -2.05
CA LYS A 26 -9.20 -10.27 -3.06
C LYS A 26 -8.57 -10.98 -4.27
N SER A 27 -7.47 -10.44 -4.77
CA SER A 27 -6.81 -11.03 -5.94
C SER A 27 -5.36 -11.44 -5.66
N GLY A 28 -4.76 -10.88 -4.62
CA GLY A 28 -3.38 -11.18 -4.31
C GLY A 28 -2.45 -10.10 -4.81
N ALA A 29 -1.33 -9.88 -4.11
CA ALA A 29 -0.39 -8.84 -4.51
C ALA A 29 1.06 -9.26 -4.28
N SER A 30 1.88 -9.04 -5.31
CA SER A 30 3.30 -9.36 -5.26
C SER A 30 4.11 -8.21 -5.83
N VAL A 31 5.43 -8.31 -5.77
CA VAL A 31 6.29 -7.26 -6.29
C VAL A 31 5.93 -6.92 -7.74
N VAL A 32 5.66 -7.96 -8.53
CA VAL A 32 5.28 -7.77 -9.92
C VAL A 32 3.93 -7.10 -10.06
N ALA A 33 2.99 -7.46 -9.19
CA ALA A 33 1.65 -6.88 -9.22
C ALA A 33 1.72 -5.37 -9.13
N ILE A 34 2.51 -4.86 -8.20
CA ILE A 34 2.67 -3.43 -8.02
C ILE A 34 3.41 -2.82 -9.21
N ARG A 35 4.46 -3.51 -9.67
CA ARG A 35 5.25 -3.03 -10.80
C ARG A 35 4.41 -2.99 -12.06
N LYS A 36 3.74 -4.10 -12.35
CA LYS A 36 2.89 -4.17 -13.52
C LYS A 36 1.78 -3.14 -13.43
N TYR A 37 1.39 -2.82 -12.20
CA TYR A 37 0.35 -1.84 -11.95
C TYR A 37 0.79 -0.46 -12.37
N ILE A 38 1.99 -0.03 -11.96
CA ILE A 38 2.48 1.26 -12.35
C ILE A 38 2.60 1.32 -13.86
N ILE A 39 3.01 0.21 -14.45
CA ILE A 39 3.18 0.10 -15.89
C ILE A 39 1.85 0.23 -16.63
N HIS A 40 0.88 -0.56 -16.20
CA HIS A 40 -0.44 -0.56 -16.82
C HIS A 40 -1.29 0.60 -16.34
N LYS A 41 -1.34 0.80 -15.02
CA LYS A 41 -2.16 1.85 -14.45
C LYS A 41 -1.65 3.26 -14.75
N TYR A 42 -0.34 3.50 -14.62
CA TYR A 42 0.19 4.85 -14.85
C TYR A 42 1.42 4.87 -15.75
N PRO A 43 1.84 6.08 -16.20
CA PRO A 43 3.02 6.26 -17.05
C PRO A 43 4.30 6.38 -16.23
N SER A 44 4.16 6.88 -15.00
CA SER A 44 5.26 7.05 -14.06
C SER A 44 6.11 5.78 -13.94
N LEU A 45 5.56 4.66 -14.39
CA LEU A 45 6.23 3.37 -14.31
C LEU A 45 7.68 3.45 -14.76
N GLU A 46 7.99 4.41 -15.61
CA GLU A 46 9.37 4.54 -16.10
C GLU A 46 10.34 4.60 -14.92
N LEU A 47 10.14 5.59 -14.07
CA LEU A 47 10.97 5.77 -12.88
C LEU A 47 10.63 4.74 -11.80
N GLU A 48 9.33 4.59 -11.54
CA GLU A 48 8.84 3.67 -10.51
C GLU A 48 9.20 2.21 -10.79
N ARG A 49 9.35 1.85 -12.07
CA ARG A 49 9.65 0.47 -12.41
C ARG A 49 10.89 -0.05 -11.71
N ARG A 50 11.73 0.85 -11.23
CA ARG A 50 12.90 0.41 -10.50
C ARG A 50 12.50 -0.03 -9.11
N GLY A 51 11.22 -0.40 -8.96
CA GLY A 51 10.71 -0.83 -7.68
C GLY A 51 11.21 0.06 -6.57
N TYR A 52 11.38 1.33 -6.90
CA TYR A 52 11.89 2.30 -5.94
C TYR A 52 10.81 2.75 -4.97
N LEU A 53 9.76 3.33 -5.50
CA LEU A 53 8.67 3.81 -4.68
C LEU A 53 7.69 2.72 -4.30
N LEU A 54 7.28 1.93 -5.29
CA LEU A 54 6.30 0.87 -5.07
C LEU A 54 6.88 -0.37 -4.40
N LYS A 55 7.98 -0.90 -4.91
CA LYS A 55 8.56 -2.11 -4.33
C LYS A 55 9.06 -1.81 -2.93
N GLN A 56 9.66 -0.65 -2.75
CA GLN A 56 10.15 -0.26 -1.44
C GLN A 56 8.99 -0.19 -0.48
N ALA A 57 7.89 0.40 -0.92
CA ALA A 57 6.71 0.51 -0.07
C ALA A 57 6.04 -0.85 0.12
N LEU A 58 5.78 -1.54 -0.99
CA LEU A 58 5.15 -2.84 -0.92
C LEU A 58 6.05 -3.83 -0.19
N LYS A 59 7.29 -3.91 -0.63
CA LYS A 59 8.25 -4.82 -0.02
C LYS A 59 8.65 -4.39 1.39
N ARG A 60 8.67 -3.08 1.69
CA ARG A 60 9.04 -2.64 3.04
C ARG A 60 8.04 -3.16 4.06
N GLU A 61 6.78 -3.18 3.67
CA GLU A 61 5.72 -3.67 4.54
C GLU A 61 5.85 -5.17 4.69
N LEU A 62 5.89 -5.86 3.56
CA LEU A 62 6.04 -7.31 3.56
C LEU A 62 7.36 -7.70 4.20
N ASN A 63 8.38 -6.87 4.01
CA ASN A 63 9.69 -7.12 4.59
C ASN A 63 9.63 -7.05 6.11
N ARG A 64 8.74 -6.21 6.63
CA ARG A 64 8.60 -6.07 8.08
C ARG A 64 8.26 -7.41 8.71
N GLY A 65 7.22 -8.05 8.21
CA GLY A 65 6.82 -9.34 8.72
C GLY A 65 5.75 -9.98 7.86
N VAL A 66 5.81 -9.71 6.58
CA VAL A 66 4.84 -10.25 5.63
C VAL A 66 3.41 -10.09 6.13
N ILE A 67 3.18 -9.05 6.94
CA ILE A 67 1.86 -8.80 7.49
C ILE A 67 1.61 -7.30 7.66
N LYS A 68 2.66 -6.55 8.00
CA LYS A 68 2.56 -5.10 8.20
C LYS A 68 1.29 -4.73 8.97
N GLN A 69 0.90 -3.46 8.91
CA GLN A 69 -0.29 -2.99 9.62
C GLN A 69 -0.94 -1.83 8.86
N VAL A 70 -2.20 -2.03 8.46
CA VAL A 70 -2.94 -1.00 7.74
C VAL A 70 -3.51 0.01 8.70
N LYS A 71 -4.02 -0.47 9.83
CA LYS A 71 -4.61 0.39 10.85
C LYS A 71 -4.03 0.07 12.23
N GLY A 72 -4.29 0.93 13.19
CA GLY A 72 -3.79 0.74 14.54
C GLY A 72 -4.43 -0.46 15.21
N LYS A 73 -4.22 -0.57 16.52
CA LYS A 73 -4.78 -1.68 17.30
C LYS A 73 -5.60 -1.15 18.47
N GLY A 74 -6.56 -1.95 18.93
CA GLY A 74 -7.39 -1.56 20.04
C GLY A 74 -8.24 -0.34 19.72
N ALA A 75 -7.81 0.83 20.20
CA ALA A 75 -8.53 2.07 19.95
C ALA A 75 -8.80 2.26 18.46
N SER A 76 -7.93 1.67 17.65
CA SER A 76 -8.06 1.76 16.20
C SER A 76 -8.91 0.60 15.67
N GLY A 77 -8.77 0.29 14.40
CA GLY A 77 -9.53 -0.80 13.81
C GLY A 77 -9.01 -2.17 14.21
N SER A 78 -8.77 -2.36 15.51
CA SER A 78 -8.27 -3.63 16.02
C SER A 78 -7.02 -4.07 15.28
N PHE A 79 -6.47 -5.21 15.67
CA PHE A 79 -5.27 -5.74 15.03
C PHE A 79 -5.47 -5.90 13.53
N VAL A 80 -4.99 -4.94 12.76
CA VAL A 80 -5.12 -4.97 11.32
C VAL A 80 -3.81 -5.37 10.65
N VAL A 81 -3.89 -6.25 9.65
CA VAL A 81 -2.72 -6.71 8.93
C VAL A 81 -3.03 -6.93 7.45
N VAL A 82 -3.15 -5.84 6.71
CA VAL A 82 -3.46 -5.90 5.28
C VAL A 82 -4.81 -6.56 5.05
N GLN A 83 -5.23 -6.60 3.78
CA GLN A 83 -6.51 -7.20 3.42
C GLN A 83 -7.68 -6.38 3.95
N LYS A 84 -7.83 -6.39 5.27
CA LYS A 84 -8.89 -5.66 5.93
C LYS A 84 -8.74 -5.73 7.44
N SER A 85 -9.21 -6.83 8.01
CA SER A 85 -9.14 -7.04 9.45
C SER A 85 -8.93 -8.52 9.78
N ARG A 86 -8.11 -9.18 8.97
CA ARG A 86 -7.82 -10.59 9.16
C ARG A 86 -6.92 -10.80 10.37
N LYS A 87 -7.52 -11.11 11.52
CA LYS A 87 -6.77 -11.34 12.74
C LYS A 87 -7.69 -11.74 13.88
N THR A 88 -7.47 -12.94 14.43
CA THR A 88 -8.27 -13.44 15.52
C THR A 88 -7.74 -12.95 16.87
N GLY A 1 -9.73 25.54 7.32
CA GLY A 1 -11.08 25.82 7.88
C GLY A 1 -11.85 24.55 8.21
N PRO A 2 -12.74 24.60 9.21
CA PRO A 2 -13.54 23.43 9.62
C PRO A 2 -14.60 23.07 8.58
N GLY A 3 -14.16 22.72 7.38
CA GLY A 3 -15.10 22.36 6.32
C GLY A 3 -14.97 20.90 5.91
N MET A 4 -13.85 20.27 6.27
CA MET A 4 -13.61 18.88 5.93
C MET A 4 -13.38 18.04 7.19
N ALA A 5 -13.34 16.72 7.01
CA ALA A 5 -13.13 15.82 8.13
C ALA A 5 -11.66 15.78 8.55
N SER A 6 -10.78 16.19 7.64
CA SER A 6 -9.36 16.21 7.91
C SER A 6 -8.59 16.91 6.78
N SER A 7 -7.27 16.90 6.88
CA SER A 7 -6.42 17.53 5.87
C SER A 7 -6.51 16.78 4.54
N PRO A 8 -6.22 17.47 3.43
CA PRO A 8 -6.28 16.88 2.09
C PRO A 8 -5.47 15.59 2.01
N ARG A 9 -5.94 14.66 1.17
CA ARG A 9 -5.26 13.38 0.99
C ARG A 9 -4.96 13.11 -0.48
N PRO A 10 -3.75 12.63 -0.80
CA PRO A 10 -3.34 12.34 -2.17
C PRO A 10 -4.03 11.10 -2.72
N LYS A 11 -3.55 10.61 -3.86
CA LYS A 11 -4.12 9.42 -4.48
C LYS A 11 -3.04 8.38 -4.77
N MET A 12 -1.82 8.86 -4.94
CA MET A 12 -0.68 8.01 -5.23
C MET A 12 -0.47 6.98 -4.12
N ASP A 13 -0.49 7.45 -2.89
CA ASP A 13 -0.29 6.56 -1.74
C ASP A 13 -1.39 5.50 -1.68
N ALA A 14 -2.58 5.86 -2.15
CA ALA A 14 -3.71 4.94 -2.16
C ALA A 14 -3.54 3.86 -3.22
N ILE A 15 -2.86 4.19 -4.30
CA ILE A 15 -2.62 3.24 -5.36
C ILE A 15 -1.89 2.03 -4.80
N LEU A 16 -0.93 2.29 -3.94
CA LEU A 16 -0.14 1.24 -3.30
C LEU A 16 -0.83 0.72 -2.04
N THR A 17 -1.55 1.60 -1.35
CA THR A 17 -2.26 1.20 -0.13
C THR A 17 -3.44 0.31 -0.48
N GLU A 18 -4.10 0.66 -1.58
CA GLU A 18 -5.25 -0.10 -2.05
C GLU A 18 -4.82 -1.48 -2.54
N ALA A 19 -3.69 -1.53 -3.24
CA ALA A 19 -3.16 -2.78 -3.76
C ALA A 19 -2.84 -3.74 -2.62
N ILE A 20 -2.11 -3.26 -1.63
CA ILE A 20 -1.74 -4.09 -0.49
C ILE A 20 -2.94 -4.38 0.40
N LYS A 21 -3.70 -3.36 0.75
CA LYS A 21 -4.86 -3.53 1.61
C LYS A 21 -5.99 -4.26 0.91
N ALA A 22 -6.38 -3.78 -0.26
CA ALA A 22 -7.49 -4.38 -1.01
C ALA A 22 -7.12 -5.66 -1.76
N CYS A 23 -5.96 -5.66 -2.43
CA CYS A 23 -5.54 -6.81 -3.22
C CYS A 23 -4.93 -7.93 -2.39
N PHE A 24 -3.88 -7.63 -1.63
CA PHE A 24 -3.20 -8.64 -0.81
C PHE A 24 -4.16 -9.60 -0.13
N GLN A 25 -5.37 -9.15 0.12
CA GLN A 25 -6.38 -9.98 0.77
C GLN A 25 -7.33 -10.59 -0.25
N LYS A 26 -7.79 -9.77 -1.17
CA LYS A 26 -8.71 -10.21 -2.20
C LYS A 26 -8.02 -11.10 -3.23
N SER A 27 -6.86 -10.66 -3.71
CA SER A 27 -6.11 -11.41 -4.71
C SER A 27 -4.71 -11.83 -4.23
N GLY A 28 -4.20 -11.14 -3.21
CA GLY A 28 -2.87 -11.46 -2.71
C GLY A 28 -1.78 -10.80 -3.53
N ALA A 29 -1.92 -9.49 -3.73
CA ALA A 29 -0.95 -8.71 -4.51
C ALA A 29 0.50 -9.09 -4.19
N SER A 30 1.36 -8.89 -5.19
CA SER A 30 2.78 -9.19 -5.06
C SER A 30 3.61 -8.04 -5.62
N VAL A 31 4.93 -8.13 -5.51
CA VAL A 31 5.81 -7.08 -6.02
C VAL A 31 5.50 -6.77 -7.48
N VAL A 32 5.20 -7.82 -8.25
CA VAL A 32 4.87 -7.66 -9.66
C VAL A 32 3.55 -6.93 -9.82
N ALA A 33 2.58 -7.24 -8.96
CA ALA A 33 1.27 -6.61 -9.02
C ALA A 33 1.39 -5.09 -8.96
N ILE A 34 2.17 -4.59 -8.01
CA ILE A 34 2.37 -3.17 -7.87
C ILE A 34 3.13 -2.61 -9.07
N ARG A 35 4.15 -3.32 -9.51
CA ARG A 35 4.96 -2.91 -10.65
C ARG A 35 4.11 -2.88 -11.92
N LYS A 36 3.47 -4.00 -12.22
CA LYS A 36 2.63 -4.09 -13.40
C LYS A 36 1.57 -3.00 -13.39
N TYR A 37 1.16 -2.59 -12.18
CA TYR A 37 0.16 -1.55 -12.04
C TYR A 37 0.71 -0.21 -12.50
N ILE A 38 1.89 0.16 -12.01
CA ILE A 38 2.48 1.42 -12.43
C ILE A 38 2.69 1.42 -13.93
N ILE A 39 3.04 0.26 -14.46
CA ILE A 39 3.28 0.11 -15.89
C ILE A 39 1.99 0.20 -16.69
N HIS A 40 0.98 -0.54 -16.25
CA HIS A 40 -0.31 -0.57 -16.92
C HIS A 40 -1.17 0.64 -16.57
N LYS A 41 -1.27 0.94 -15.28
CA LYS A 41 -2.11 2.05 -14.83
C LYS A 41 -1.49 3.43 -15.08
N TYR A 42 -0.20 3.61 -14.82
CA TYR A 42 0.41 4.94 -14.99
C TYR A 42 1.68 4.93 -15.86
N PRO A 43 2.15 6.13 -16.24
CA PRO A 43 3.36 6.30 -17.03
C PRO A 43 4.62 6.36 -16.17
N SER A 44 4.43 6.82 -14.94
CA SER A 44 5.51 6.94 -13.96
C SER A 44 6.32 5.65 -13.84
N LEU A 45 5.77 4.56 -14.34
CA LEU A 45 6.42 3.26 -14.28
C LEU A 45 7.89 3.33 -14.69
N GLU A 46 8.23 4.32 -15.51
CA GLU A 46 9.61 4.47 -15.94
C GLU A 46 10.55 4.54 -14.74
N LEU A 47 10.31 5.52 -13.89
CA LEU A 47 11.09 5.70 -12.67
C LEU A 47 10.72 4.66 -11.61
N GLU A 48 9.42 4.51 -11.40
CA GLU A 48 8.89 3.57 -10.42
C GLU A 48 9.31 2.13 -10.68
N ARG A 49 9.53 1.78 -11.94
CA ARG A 49 9.90 0.42 -12.30
C ARG A 49 11.13 -0.06 -11.56
N ARG A 50 11.91 0.86 -11.04
CA ARG A 50 13.07 0.45 -10.28
C ARG A 50 12.64 0.03 -8.89
N GLY A 51 11.36 -0.34 -8.78
CA GLY A 51 10.81 -0.76 -7.50
C GLY A 51 11.27 0.15 -6.41
N TYR A 52 11.42 1.42 -6.76
CA TYR A 52 11.89 2.41 -5.80
C TYR A 52 10.79 2.86 -4.86
N LEU A 53 9.73 3.41 -5.41
CA LEU A 53 8.63 3.88 -4.60
C LEU A 53 7.67 2.76 -4.22
N LEU A 54 7.27 1.98 -5.20
CA LEU A 54 6.31 0.89 -4.98
C LEU A 54 6.91 -0.35 -4.33
N LYS A 55 8.01 -0.86 -4.87
CA LYS A 55 8.62 -2.06 -4.30
C LYS A 55 9.10 -1.78 -2.90
N GLN A 56 9.70 -0.62 -2.70
CA GLN A 56 10.18 -0.25 -1.37
C GLN A 56 9.03 -0.26 -0.40
N ALA A 57 7.90 0.32 -0.80
CA ALA A 57 6.74 0.36 0.06
C ALA A 57 6.09 -1.02 0.19
N LEU A 58 5.86 -1.66 -0.94
CA LEU A 58 5.26 -2.99 -0.94
C LEU A 58 6.19 -3.98 -0.24
N LYS A 59 7.42 -4.03 -0.71
CA LYS A 59 8.42 -4.94 -0.16
C LYS A 59 8.86 -4.57 1.26
N ARG A 60 8.87 -3.28 1.63
CA ARG A 60 9.30 -2.94 2.99
C ARG A 60 8.35 -3.56 4.01
N GLU A 61 7.08 -3.65 3.64
CA GLU A 61 6.08 -4.24 4.51
C GLU A 61 6.29 -5.75 4.59
N LEU A 62 6.41 -6.37 3.43
CA LEU A 62 6.65 -7.81 3.37
C LEU A 62 7.99 -8.15 3.99
N ASN A 63 8.98 -7.29 3.74
CA ASN A 63 10.31 -7.49 4.29
C ASN A 63 10.31 -7.33 5.81
N ARG A 64 9.40 -6.50 6.31
CA ARG A 64 9.30 -6.26 7.74
C ARG A 64 8.72 -7.48 8.46
N GLY A 65 7.59 -7.96 7.96
CA GLY A 65 6.96 -9.12 8.56
C GLY A 65 5.89 -9.71 7.66
N VAL A 66 6.14 -9.68 6.36
CA VAL A 66 5.20 -10.22 5.38
C VAL A 66 3.93 -9.37 5.31
N ILE A 67 4.10 -8.05 5.38
CA ILE A 67 2.98 -7.12 5.32
C ILE A 67 1.83 -7.57 6.21
N LYS A 68 1.96 -7.33 7.52
CA LYS A 68 0.93 -7.71 8.47
C LYS A 68 0.59 -6.54 9.40
N GLN A 69 0.86 -5.32 8.94
CA GLN A 69 0.57 -4.13 9.73
C GLN A 69 0.45 -2.90 8.84
N VAL A 70 -0.77 -2.40 8.70
CA VAL A 70 -1.03 -1.21 7.88
C VAL A 70 -1.45 -0.03 8.75
N LYS A 71 -2.06 -0.32 9.89
CA LYS A 71 -2.50 0.72 10.81
C LYS A 71 -1.83 0.58 12.17
N GLY A 72 -1.97 1.60 13.00
CA GLY A 72 -1.38 1.57 14.32
C GLY A 72 -2.22 0.81 15.32
N LYS A 73 -1.99 1.07 16.61
CA LYS A 73 -2.73 0.41 17.66
C LYS A 73 -3.39 1.43 18.60
N GLY A 74 -3.97 0.95 19.68
CA GLY A 74 -4.62 1.82 20.64
C GLY A 74 -5.61 2.77 19.98
N ALA A 75 -5.32 4.06 20.05
CA ALA A 75 -6.20 5.08 19.46
C ALA A 75 -6.46 4.76 17.98
N SER A 76 -5.52 4.07 17.36
CA SER A 76 -5.63 3.67 15.96
C SER A 76 -6.45 2.40 15.83
N GLY A 77 -6.29 1.70 14.72
CA GLY A 77 -7.03 0.47 14.49
C GLY A 77 -6.93 -0.51 15.66
N SER A 78 -5.92 -0.32 16.52
CA SER A 78 -5.70 -1.18 17.68
C SER A 78 -4.78 -2.35 17.33
N PHE A 79 -5.00 -2.94 16.17
CA PHE A 79 -4.19 -4.07 15.72
C PHE A 79 -4.62 -4.52 14.33
N VAL A 80 -4.33 -3.70 13.33
CA VAL A 80 -4.69 -4.00 11.96
C VAL A 80 -3.60 -4.81 11.26
N VAL A 81 -4.01 -5.85 10.54
CA VAL A 81 -3.07 -6.70 9.83
C VAL A 81 -3.35 -6.69 8.33
N VAL A 82 -3.34 -5.49 7.75
CA VAL A 82 -3.60 -5.33 6.33
C VAL A 82 -4.96 -5.87 5.94
N GLN A 83 -5.22 -5.98 4.63
CA GLN A 83 -6.50 -6.48 4.14
C GLN A 83 -7.61 -5.50 4.41
N LYS A 84 -7.95 -5.33 5.67
CA LYS A 84 -9.00 -4.42 6.08
C LYS A 84 -9.14 -4.40 7.61
N SER A 85 -10.14 -5.11 8.13
CA SER A 85 -10.36 -5.16 9.57
C SER A 85 -10.32 -6.60 10.07
N ARG A 86 -9.41 -7.39 9.50
CA ARG A 86 -9.26 -8.78 9.89
C ARG A 86 -8.60 -8.91 11.26
N LYS A 87 -9.24 -8.32 12.27
CA LYS A 87 -8.70 -8.36 13.63
C LYS A 87 -9.64 -7.65 14.60
N THR A 88 -10.03 -8.36 15.66
CA THR A 88 -10.93 -7.79 16.66
C THR A 88 -10.14 -7.23 17.84
N GLY A 1 -0.02 27.89 13.13
CA GLY A 1 -0.91 29.05 13.40
C GLY A 1 -2.17 28.63 14.16
N PRO A 2 -3.14 29.55 14.30
CA PRO A 2 -4.40 29.27 15.00
C PRO A 2 -5.29 28.30 14.22
N GLY A 3 -5.55 27.14 14.81
CA GLY A 3 -6.38 26.16 14.15
C GLY A 3 -5.60 24.93 13.71
N MET A 4 -6.11 24.24 12.69
CA MET A 4 -5.45 23.05 12.18
C MET A 4 -4.48 23.40 11.06
N ALA A 5 -3.30 22.76 11.08
CA ALA A 5 -2.28 23.00 10.07
C ALA A 5 -1.27 21.87 10.02
N SER A 6 -1.60 20.81 9.30
CA SER A 6 -0.72 19.66 9.17
C SER A 6 -0.03 19.65 7.82
N SER A 7 0.81 18.64 7.58
CA SER A 7 1.53 18.51 6.32
C SER A 7 0.65 17.84 5.27
N PRO A 8 0.78 18.27 3.99
CA PRO A 8 -0.01 17.69 2.89
C PRO A 8 0.12 16.19 2.82
N ARG A 9 -0.96 15.53 2.40
CA ARG A 9 -0.98 14.08 2.28
C ARG A 9 -1.06 13.65 0.82
N PRO A 10 -0.10 12.85 0.34
CA PRO A 10 -0.08 12.38 -1.06
C PRO A 10 -1.21 11.39 -1.33
N LYS A 11 -1.26 10.89 -2.57
CA LYS A 11 -2.29 9.93 -2.97
C LYS A 11 -1.67 8.69 -3.60
N MET A 12 -0.40 8.79 -3.97
CA MET A 12 0.32 7.71 -4.60
C MET A 12 0.48 6.53 -3.63
N ASP A 13 0.63 6.85 -2.34
CA ASP A 13 0.79 5.83 -1.32
C ASP A 13 -0.48 5.03 -1.13
N ALA A 14 -1.63 5.70 -1.27
CA ALA A 14 -2.92 5.04 -1.10
C ALA A 14 -3.27 4.20 -2.33
N ILE A 15 -2.80 4.62 -3.49
CA ILE A 15 -3.06 3.88 -4.72
C ILE A 15 -2.54 2.46 -4.58
N LEU A 16 -1.34 2.35 -3.99
CA LEU A 16 -0.72 1.06 -3.77
C LEU A 16 -1.27 0.40 -2.50
N THR A 17 -1.72 1.22 -1.55
CA THR A 17 -2.29 0.70 -0.31
C THR A 17 -3.56 -0.08 -0.64
N GLU A 18 -4.27 0.41 -1.63
CA GLU A 18 -5.51 -0.21 -2.09
C GLU A 18 -5.21 -1.57 -2.72
N ALA A 19 -4.18 -1.60 -3.56
CA ALA A 19 -3.80 -2.84 -4.22
C ALA A 19 -3.43 -3.90 -3.20
N ILE A 20 -2.63 -3.51 -2.21
CA ILE A 20 -2.23 -4.43 -1.17
C ILE A 20 -3.39 -4.75 -0.23
N LYS A 21 -4.12 -3.72 0.19
CA LYS A 21 -5.23 -3.92 1.10
C LYS A 21 -6.41 -4.63 0.42
N ALA A 22 -6.86 -4.11 -0.70
CA ALA A 22 -8.00 -4.69 -1.41
C ALA A 22 -7.65 -5.92 -2.24
N CYS A 23 -6.54 -5.87 -2.97
CA CYS A 23 -6.15 -6.97 -3.84
C CYS A 23 -5.51 -8.13 -3.08
N PHE A 24 -4.42 -7.87 -2.35
CA PHE A 24 -3.71 -8.92 -1.61
C PHE A 24 -4.66 -9.94 -1.00
N GLN A 25 -5.85 -9.49 -0.62
CA GLN A 25 -6.83 -10.37 -0.01
C GLN A 25 -7.75 -10.99 -1.06
N LYS A 26 -8.29 -10.16 -1.91
CA LYS A 26 -9.21 -10.62 -2.95
C LYS A 26 -8.48 -11.39 -4.05
N SER A 27 -7.38 -10.85 -4.55
CA SER A 27 -6.63 -11.51 -5.63
C SER A 27 -5.19 -11.82 -5.25
N GLY A 28 -4.66 -11.15 -4.23
CA GLY A 28 -3.28 -11.36 -3.84
C GLY A 28 -2.36 -10.33 -4.44
N ALA A 29 -1.34 -9.90 -3.69
CA ALA A 29 -0.41 -8.90 -4.19
C ALA A 29 1.05 -9.33 -4.04
N SER A 30 1.82 -9.10 -5.09
CA SER A 30 3.23 -9.45 -5.10
C SER A 30 4.04 -8.28 -5.69
N VAL A 31 5.37 -8.41 -5.69
CA VAL A 31 6.22 -7.35 -6.23
C VAL A 31 5.81 -6.99 -7.66
N VAL A 32 5.49 -8.00 -8.46
CA VAL A 32 5.08 -7.79 -9.83
C VAL A 32 3.74 -7.07 -9.90
N ALA A 33 2.84 -7.42 -8.98
CA ALA A 33 1.52 -6.80 -8.95
C ALA A 33 1.63 -5.28 -8.89
N ILE A 34 2.48 -4.79 -7.99
CA ILE A 34 2.67 -3.36 -7.85
C ILE A 34 3.38 -2.78 -9.07
N ARG A 35 4.39 -3.50 -9.55
CA ARG A 35 5.15 -3.06 -10.72
C ARG A 35 4.27 -2.98 -11.96
N LYS A 36 3.59 -4.09 -12.26
CA LYS A 36 2.70 -4.12 -13.42
C LYS A 36 1.63 -3.05 -13.30
N TYR A 37 1.27 -2.72 -12.07
CA TYR A 37 0.25 -1.72 -11.82
C TYR A 37 0.74 -0.34 -12.21
N ILE A 38 1.98 0.00 -11.82
CA ILE A 38 2.52 1.30 -12.19
C ILE A 38 2.65 1.37 -13.70
N ILE A 39 3.07 0.26 -14.30
CA ILE A 39 3.24 0.18 -15.75
C ILE A 39 1.91 0.34 -16.47
N HIS A 40 0.94 -0.46 -16.08
CA HIS A 40 -0.38 -0.43 -16.70
C HIS A 40 -1.23 0.72 -16.20
N LYS A 41 -1.29 0.90 -14.89
CA LYS A 41 -2.12 1.95 -14.30
C LYS A 41 -1.54 3.37 -14.44
N TYR A 42 -0.24 3.54 -14.29
CA TYR A 42 0.35 4.90 -14.38
C TYR A 42 1.52 5.00 -15.35
N PRO A 43 1.90 6.26 -15.71
CA PRO A 43 3.02 6.53 -16.61
C PRO A 43 4.35 6.58 -15.85
N SER A 44 4.27 6.99 -14.59
CA SER A 44 5.44 7.10 -13.71
C SER A 44 6.27 5.81 -13.70
N LEU A 45 5.66 4.73 -14.19
CA LEU A 45 6.32 3.42 -14.21
C LEU A 45 7.74 3.50 -14.74
N GLU A 46 8.03 4.51 -15.53
CA GLU A 46 9.38 4.66 -16.08
C GLU A 46 10.40 4.65 -14.95
N LEU A 47 10.25 5.59 -14.04
CA LEU A 47 11.12 5.70 -12.86
C LEU A 47 10.79 4.63 -11.83
N GLU A 48 9.50 4.49 -11.54
CA GLU A 48 8.99 3.55 -10.55
C GLU A 48 9.34 2.10 -10.89
N ARG A 49 9.47 1.79 -12.18
CA ARG A 49 9.76 0.42 -12.60
C ARG A 49 10.99 -0.14 -11.94
N ARG A 50 11.84 0.73 -11.43
CA ARG A 50 13.02 0.25 -10.73
C ARG A 50 12.63 -0.20 -9.34
N GLY A 51 11.34 -0.53 -9.17
CA GLY A 51 10.83 -0.96 -7.88
C GLY A 51 11.39 -0.09 -6.78
N TYR A 52 11.59 1.18 -7.11
CA TYR A 52 12.15 2.12 -6.17
C TYR A 52 11.11 2.60 -5.16
N LEU A 53 10.05 3.20 -5.65
CA LEU A 53 9.01 3.71 -4.77
C LEU A 53 8.03 2.61 -4.35
N LEU A 54 7.56 1.85 -5.33
CA LEU A 54 6.57 0.80 -5.07
C LEU A 54 7.14 -0.47 -4.44
N LYS A 55 8.21 -1.02 -5.02
CA LYS A 55 8.79 -2.23 -4.48
C LYS A 55 9.37 -1.97 -3.11
N GLN A 56 10.01 -0.81 -2.95
CA GLN A 56 10.57 -0.46 -1.67
C GLN A 56 9.47 -0.37 -0.64
N ALA A 57 8.37 0.25 -1.02
CA ALA A 57 7.24 0.38 -0.11
C ALA A 57 6.52 -0.94 0.09
N LEU A 58 6.20 -1.61 -1.01
CA LEU A 58 5.52 -2.89 -0.93
C LEU A 58 6.41 -3.91 -0.24
N LYS A 59 7.64 -4.04 -0.73
CA LYS A 59 8.59 -4.99 -0.17
C LYS A 59 9.05 -4.59 1.24
N ARG A 60 9.18 -3.28 1.53
CA ARG A 60 9.63 -2.87 2.87
C ARG A 60 8.59 -3.24 3.91
N GLU A 61 7.35 -2.89 3.63
CA GLU A 61 6.25 -3.20 4.53
C GLU A 61 6.12 -4.70 4.70
N LEU A 62 6.08 -5.39 3.57
CA LEU A 62 5.97 -6.84 3.57
C LEU A 62 7.19 -7.45 4.26
N ASN A 63 8.36 -6.90 3.97
CA ASN A 63 9.59 -7.38 4.59
C ASN A 63 9.57 -7.06 6.09
N ARG A 64 8.67 -6.17 6.49
CA ARG A 64 8.55 -5.77 7.89
C ARG A 64 7.55 -6.66 8.62
N GLY A 65 6.30 -6.64 8.16
CA GLY A 65 5.28 -7.45 8.79
C GLY A 65 4.10 -7.72 7.90
N VAL A 66 4.35 -7.83 6.60
CA VAL A 66 3.29 -8.10 5.63
C VAL A 66 2.36 -6.91 5.46
N ILE A 67 2.90 -5.85 4.86
CA ILE A 67 2.13 -4.63 4.62
C ILE A 67 1.98 -3.82 5.90
N LYS A 68 2.90 -4.02 6.83
CA LYS A 68 2.87 -3.31 8.11
C LYS A 68 1.55 -3.51 8.84
N GLN A 69 0.81 -4.55 8.43
CA GLN A 69 -0.48 -4.86 9.06
C GLN A 69 -1.34 -3.61 9.21
N VAL A 70 -2.05 -3.24 8.15
CA VAL A 70 -2.91 -2.06 8.17
C VAL A 70 -3.98 -2.17 9.26
N LYS A 71 -4.08 -1.15 10.09
CA LYS A 71 -5.05 -1.14 11.18
C LYS A 71 -4.79 -2.27 12.15
N GLY A 72 -5.14 -2.05 13.42
CA GLY A 72 -4.93 -3.06 14.43
C GLY A 72 -3.85 -2.69 15.42
N LYS A 73 -4.24 -2.47 16.67
CA LYS A 73 -3.29 -2.11 17.73
C LYS A 73 -3.99 -1.99 19.07
N GLY A 74 -4.40 -3.13 19.62
CA GLY A 74 -5.10 -3.14 20.90
C GLY A 74 -6.50 -2.59 20.79
N ALA A 75 -6.69 -1.35 21.22
CA ALA A 75 -8.00 -0.71 21.15
C ALA A 75 -8.58 -0.77 19.74
N SER A 76 -7.69 -0.86 18.76
CA SER A 76 -8.09 -0.94 17.36
C SER A 76 -8.49 -2.35 17.00
N GLY A 77 -8.48 -2.66 15.71
CA GLY A 77 -8.85 -3.98 15.24
C GLY A 77 -8.13 -5.09 15.99
N SER A 78 -7.02 -4.76 16.64
CA SER A 78 -6.24 -5.74 17.40
C SER A 78 -5.42 -6.61 16.46
N PHE A 79 -4.39 -6.03 15.85
CA PHE A 79 -3.52 -6.75 14.93
C PHE A 79 -4.32 -7.27 13.74
N VAL A 80 -4.26 -6.53 12.63
CA VAL A 80 -4.97 -6.92 11.42
C VAL A 80 -3.99 -7.26 10.31
N VAL A 81 -4.08 -8.48 9.80
CA VAL A 81 -3.20 -8.94 8.73
C VAL A 81 -3.64 -8.39 7.38
N VAL A 82 -3.67 -7.06 7.27
CA VAL A 82 -4.06 -6.41 6.02
C VAL A 82 -5.45 -6.87 5.57
N GLN A 83 -5.77 -6.62 4.30
CA GLN A 83 -7.06 -7.02 3.74
C GLN A 83 -8.17 -6.08 4.19
N LYS A 84 -8.48 -6.12 5.46
CA LYS A 84 -9.51 -5.28 6.04
C LYS A 84 -9.54 -5.41 7.56
N SER A 85 -10.15 -6.49 8.02
CA SER A 85 -10.25 -6.75 9.46
C SER A 85 -10.05 -8.23 9.75
N ARG A 86 -9.13 -8.85 9.03
CA ARG A 86 -8.85 -10.27 9.20
C ARG A 86 -7.79 -10.48 10.30
N LYS A 87 -8.04 -9.90 11.47
CA LYS A 87 -7.14 -10.03 12.59
C LYS A 87 -7.02 -11.48 13.04
N THR A 88 -6.14 -11.72 14.01
CA THR A 88 -5.92 -13.07 14.53
C THR A 88 -6.16 -13.12 16.04
N GLY A 1 -12.84 27.87 18.75
CA GLY A 1 -13.41 28.80 17.73
C GLY A 1 -13.24 28.28 16.31
N PRO A 2 -13.13 29.19 15.32
CA PRO A 2 -12.97 28.80 13.92
C PRO A 2 -11.59 28.19 13.65
N GLY A 3 -11.56 26.86 13.52
CA GLY A 3 -10.31 26.17 13.26
C GLY A 3 -10.23 25.61 11.85
N MET A 4 -10.26 24.28 11.75
CA MET A 4 -10.21 23.61 10.45
C MET A 4 -8.91 23.96 9.73
N ALA A 5 -7.89 23.13 9.94
CA ALA A 5 -6.59 23.34 9.30
C ALA A 5 -6.01 22.03 8.81
N SER A 6 -6.43 21.60 7.62
CA SER A 6 -5.93 20.37 7.03
C SER A 6 -4.89 20.65 5.96
N SER A 7 -4.15 19.62 5.58
CA SER A 7 -3.11 19.75 4.56
C SER A 7 -3.37 18.81 3.39
N PRO A 8 -2.76 19.09 2.22
CA PRO A 8 -2.94 18.27 1.02
C PRO A 8 -2.68 16.79 1.30
N ARG A 9 -3.54 15.94 0.75
CA ARG A 9 -3.41 14.49 0.93
C ARG A 9 -3.16 13.80 -0.41
N PRO A 10 -1.93 13.28 -0.64
CA PRO A 10 -1.59 12.59 -1.89
C PRO A 10 -2.50 11.40 -2.16
N LYS A 11 -2.37 10.81 -3.33
CA LYS A 11 -3.17 9.65 -3.70
C LYS A 11 -2.30 8.49 -4.15
N MET A 12 -1.05 8.80 -4.48
CA MET A 12 -0.10 7.80 -4.93
C MET A 12 0.10 6.71 -3.88
N ASP A 13 0.20 7.13 -2.63
CA ASP A 13 0.39 6.20 -1.52
C ASP A 13 -0.82 5.28 -1.37
N ALA A 14 -2.00 5.80 -1.72
CA ALA A 14 -3.23 5.01 -1.63
C ALA A 14 -3.29 3.96 -2.72
N ILE A 15 -2.68 4.25 -3.86
CA ILE A 15 -2.66 3.29 -4.96
C ILE A 15 -2.02 2.00 -4.50
N LEU A 16 -0.94 2.15 -3.73
CA LEU A 16 -0.22 1.01 -3.19
C LEU A 16 -0.95 0.44 -1.98
N THR A 17 -1.61 1.30 -1.21
CA THR A 17 -2.35 0.86 -0.04
C THR A 17 -3.57 0.06 -0.48
N GLU A 18 -4.19 0.52 -1.57
CA GLU A 18 -5.36 -0.15 -2.12
C GLU A 18 -4.98 -1.51 -2.68
N ALA A 19 -3.86 -1.55 -3.40
CA ALA A 19 -3.39 -2.80 -3.99
C ALA A 19 -3.16 -3.84 -2.91
N ILE A 20 -2.40 -3.47 -1.89
CA ILE A 20 -2.10 -4.38 -0.79
C ILE A 20 -3.34 -4.61 0.08
N LYS A 21 -4.07 -3.55 0.38
CA LYS A 21 -5.26 -3.66 1.21
C LYS A 21 -6.39 -4.40 0.51
N ALA A 22 -6.74 -3.96 -0.70
CA ALA A 22 -7.84 -4.57 -1.44
C ALA A 22 -7.45 -5.88 -2.15
N CYS A 23 -6.28 -5.89 -2.78
CA CYS A 23 -5.84 -7.07 -3.53
C CYS A 23 -5.29 -8.18 -2.65
N PHE A 24 -4.28 -7.87 -1.84
CA PHE A 24 -3.65 -8.86 -0.97
C PHE A 24 -4.66 -9.83 -0.34
N GLN A 25 -5.88 -9.35 -0.14
CA GLN A 25 -6.92 -10.17 0.45
C GLN A 25 -7.78 -10.83 -0.62
N LYS A 26 -8.21 -10.03 -1.58
CA LYS A 26 -9.04 -10.53 -2.67
C LYS A 26 -8.26 -11.42 -3.64
N SER A 27 -7.09 -10.94 -4.05
CA SER A 27 -6.27 -11.70 -5.00
C SER A 27 -4.88 -12.07 -4.44
N GLY A 28 -4.44 -11.36 -3.42
CA GLY A 28 -3.13 -11.64 -2.84
C GLY A 28 -2.02 -10.94 -3.61
N ALA A 29 -2.16 -9.62 -3.79
CA ALA A 29 -1.19 -8.82 -4.52
C ALA A 29 0.26 -9.18 -4.17
N SER A 30 1.15 -8.96 -5.13
CA SER A 30 2.57 -9.24 -4.98
C SER A 30 3.39 -8.06 -5.49
N VAL A 31 4.72 -8.14 -5.35
CA VAL A 31 5.59 -7.07 -5.81
C VAL A 31 5.31 -6.73 -7.27
N VAL A 32 5.07 -7.75 -8.08
CA VAL A 32 4.78 -7.56 -9.49
C VAL A 32 3.45 -6.85 -9.68
N ALA A 33 2.48 -7.13 -8.81
CA ALA A 33 1.17 -6.52 -8.89
C ALA A 33 1.28 -5.00 -8.87
N ILE A 34 2.06 -4.47 -7.94
CA ILE A 34 2.25 -3.03 -7.83
C ILE A 34 3.05 -2.50 -9.01
N ARG A 35 4.08 -3.24 -9.40
CA ARG A 35 4.92 -2.84 -10.53
C ARG A 35 4.13 -2.84 -11.82
N LYS A 36 3.45 -3.95 -12.09
CA LYS A 36 2.65 -4.06 -13.31
C LYS A 36 1.59 -2.96 -13.35
N TYR A 37 1.15 -2.53 -12.17
CA TYR A 37 0.15 -1.49 -12.07
C TYR A 37 0.69 -0.16 -12.56
N ILE A 38 1.89 0.20 -12.10
CA ILE A 38 2.48 1.45 -12.55
C ILE A 38 2.71 1.39 -14.06
N ILE A 39 3.11 0.22 -14.53
CA ILE A 39 3.37 0.01 -15.95
C ILE A 39 2.09 0.14 -16.77
N HIS A 40 1.07 -0.59 -16.35
CA HIS A 40 -0.21 -0.59 -17.05
C HIS A 40 -1.04 0.64 -16.71
N LYS A 41 -1.16 0.95 -15.42
CA LYS A 41 -1.97 2.08 -14.98
C LYS A 41 -1.39 3.43 -15.38
N TYR A 42 -0.10 3.65 -15.18
CA TYR A 42 0.49 4.96 -15.50
C TYR A 42 1.79 4.86 -16.31
N PRO A 43 2.28 6.01 -16.81
CA PRO A 43 3.51 6.09 -17.59
C PRO A 43 4.74 6.24 -16.69
N SER A 44 4.51 6.84 -15.52
CA SER A 44 5.56 7.05 -14.51
C SER A 44 6.35 5.78 -14.24
N LEU A 45 5.78 4.64 -14.64
CA LEU A 45 6.41 3.34 -14.42
C LEU A 45 7.88 3.34 -14.78
N GLU A 46 8.29 4.24 -15.66
CA GLU A 46 9.69 4.32 -16.06
C GLU A 46 10.59 4.41 -14.85
N LEU A 47 10.38 5.44 -14.06
CA LEU A 47 11.15 5.67 -12.84
C LEU A 47 10.72 4.69 -11.73
N GLU A 48 9.42 4.57 -11.54
CA GLU A 48 8.85 3.70 -10.51
C GLU A 48 9.24 2.23 -10.71
N ARG A 49 9.48 1.84 -11.95
CA ARG A 49 9.82 0.44 -12.25
C ARG A 49 11.03 -0.02 -11.47
N ARG A 50 11.83 0.89 -10.98
CA ARG A 50 12.97 0.50 -10.19
C ARG A 50 12.52 0.09 -8.81
N GLY A 51 11.23 -0.26 -8.69
CA GLY A 51 10.67 -0.66 -7.41
C GLY A 51 11.13 0.27 -6.33
N TYR A 52 11.29 1.52 -6.68
CA TYR A 52 11.77 2.52 -5.75
C TYR A 52 10.69 2.98 -4.79
N LEU A 53 9.61 3.52 -5.34
CA LEU A 53 8.52 4.00 -4.51
C LEU A 53 7.57 2.88 -4.11
N LEU A 54 7.16 2.09 -5.10
CA LEU A 54 6.20 1.02 -4.85
C LEU A 54 6.79 -0.24 -4.21
N LYS A 55 7.89 -0.75 -4.76
CA LYS A 55 8.49 -1.95 -4.21
C LYS A 55 9.00 -1.67 -2.81
N GLN A 56 9.64 -0.53 -2.64
CA GLN A 56 10.16 -0.16 -1.34
C GLN A 56 9.03 -0.12 -0.33
N ALA A 57 7.92 0.47 -0.71
CA ALA A 57 6.78 0.56 0.18
C ALA A 57 6.09 -0.79 0.37
N LEU A 58 5.82 -1.48 -0.72
CA LEU A 58 5.16 -2.78 -0.64
C LEU A 58 6.12 -3.80 -0.02
N LYS A 59 7.33 -3.85 -0.55
CA LYS A 59 8.34 -4.77 -0.07
C LYS A 59 8.85 -4.43 1.33
N ARG A 60 8.89 -3.14 1.72
CA ARG A 60 9.36 -2.82 3.07
C ARG A 60 8.50 -3.50 4.11
N GLU A 61 7.21 -3.59 3.81
CA GLU A 61 6.27 -4.25 4.71
C GLU A 61 6.50 -5.75 4.69
N LEU A 62 6.56 -6.32 3.50
CA LEU A 62 6.80 -7.75 3.35
C LEU A 62 8.19 -8.11 3.88
N ASN A 63 9.13 -7.19 3.70
CA ASN A 63 10.49 -7.40 4.17
C ASN A 63 10.51 -7.44 5.69
N ARG A 64 9.60 -6.70 6.31
CA ARG A 64 9.51 -6.66 7.76
C ARG A 64 9.05 -8.01 8.33
N GLY A 65 7.96 -8.53 7.80
CA GLY A 65 7.44 -9.80 8.26
C GLY A 65 6.45 -10.41 7.28
N VAL A 66 6.69 -10.19 5.99
CA VAL A 66 5.83 -10.73 4.94
C VAL A 66 4.36 -10.43 5.23
N ILE A 67 4.10 -9.32 5.90
CA ILE A 67 2.73 -8.93 6.23
C ILE A 67 2.64 -7.44 6.52
N LYS A 68 1.57 -6.82 6.01
CA LYS A 68 1.36 -5.38 6.22
C LYS A 68 0.27 -5.15 7.26
N GLN A 69 0.46 -4.14 8.10
CA GLN A 69 -0.51 -3.82 9.14
C GLN A 69 -1.02 -2.39 8.99
N VAL A 70 -2.32 -2.26 8.76
CA VAL A 70 -2.94 -0.95 8.60
C VAL A 70 -3.24 -0.32 9.95
N LYS A 71 -3.57 -1.16 10.92
CA LYS A 71 -3.88 -0.69 12.27
C LYS A 71 -2.81 -1.15 13.26
N GLY A 72 -2.64 -0.39 14.33
CA GLY A 72 -1.65 -0.73 15.34
C GLY A 72 -2.07 -1.91 16.18
N LYS A 73 -1.31 -2.17 17.24
CA LYS A 73 -1.61 -3.29 18.13
C LYS A 73 -1.77 -2.79 19.57
N GLY A 74 -2.39 -3.61 20.41
CA GLY A 74 -2.61 -3.21 21.79
C GLY A 74 -3.74 -2.22 21.92
N ALA A 75 -3.39 -0.95 22.12
CA ALA A 75 -4.39 0.10 22.26
C ALA A 75 -5.21 0.22 20.98
N SER A 76 -4.66 -0.26 19.87
CA SER A 76 -5.34 -0.21 18.58
C SER A 76 -6.17 -1.47 18.36
N GLY A 77 -6.47 -1.76 17.11
CA GLY A 77 -7.26 -2.94 16.77
C GLY A 77 -6.80 -4.19 17.50
N SER A 78 -5.53 -4.21 17.93
CA SER A 78 -4.95 -5.35 18.64
C SER A 78 -4.22 -6.28 17.68
N PHE A 79 -4.60 -6.24 16.40
CA PHE A 79 -3.99 -7.08 15.38
C PHE A 79 -4.71 -6.91 14.04
N VAL A 80 -4.19 -6.01 13.21
CA VAL A 80 -4.78 -5.76 11.91
C VAL A 80 -3.74 -5.93 10.80
N VAL A 81 -4.05 -6.80 9.84
CA VAL A 81 -3.14 -7.05 8.73
C VAL A 81 -3.82 -6.78 7.38
N VAL A 82 -3.89 -5.50 7.01
CA VAL A 82 -4.50 -5.09 5.74
C VAL A 82 -5.82 -5.82 5.49
N GLN A 83 -6.31 -5.76 4.25
CA GLN A 83 -7.56 -6.42 3.87
C GLN A 83 -8.75 -5.63 4.42
N LYS A 84 -8.84 -5.60 5.74
CA LYS A 84 -9.92 -4.90 6.43
C LYS A 84 -9.87 -5.14 7.93
N SER A 85 -10.40 -6.27 8.36
CA SER A 85 -10.40 -6.63 9.76
C SER A 85 -10.52 -8.15 9.93
N ARG A 86 -9.63 -8.88 9.24
CA ARG A 86 -9.64 -10.34 9.32
C ARG A 86 -8.91 -10.83 10.57
N LYS A 87 -9.21 -10.20 11.71
CA LYS A 87 -8.59 -10.59 12.97
C LYS A 87 -9.15 -9.76 14.12
N THR A 88 -10.15 -10.30 14.80
CA THR A 88 -10.77 -9.60 15.92
C THR A 88 -9.82 -9.54 17.11
N GLY A 1 -5.95 24.26 18.80
CA GLY A 1 -6.11 22.82 19.12
C GLY A 1 -7.43 22.51 19.79
N PRO A 2 -8.56 22.96 19.20
CA PRO A 2 -9.89 22.71 19.77
C PRO A 2 -10.35 21.27 19.60
N GLY A 3 -9.59 20.36 20.20
CA GLY A 3 -9.92 18.94 20.11
C GLY A 3 -10.01 18.45 18.68
N MET A 4 -9.03 18.84 17.86
CA MET A 4 -9.01 18.44 16.47
C MET A 4 -7.69 18.83 15.81
N ALA A 5 -6.89 17.82 15.44
CA ALA A 5 -5.60 18.06 14.80
C ALA A 5 -5.05 16.78 14.19
N SER A 6 -4.32 16.92 13.09
CA SER A 6 -3.75 15.77 12.41
C SER A 6 -2.67 16.21 11.43
N SER A 7 -2.14 15.26 10.65
CA SER A 7 -1.09 15.55 9.68
C SER A 7 -1.58 15.27 8.27
N PRO A 8 -0.98 15.94 7.26
CA PRO A 8 -1.35 15.75 5.86
C PRO A 8 -1.28 14.29 5.43
N ARG A 9 -2.23 13.88 4.59
CA ARG A 9 -2.28 12.51 4.10
C ARG A 9 -2.13 12.47 2.57
N PRO A 10 -1.01 11.91 2.07
CA PRO A 10 -0.75 11.82 0.64
C PRO A 10 -1.72 10.86 -0.05
N LYS A 11 -1.55 10.69 -1.36
CA LYS A 11 -2.41 9.80 -2.13
C LYS A 11 -1.58 8.79 -2.93
N MET A 12 -0.29 9.07 -3.05
CA MET A 12 0.62 8.21 -3.78
C MET A 12 0.87 6.91 -3.02
N ASP A 13 0.92 7.00 -1.70
CA ASP A 13 1.13 5.84 -0.87
C ASP A 13 -0.13 4.98 -0.82
N ALA A 14 -1.28 5.64 -0.92
CA ALA A 14 -2.56 4.96 -0.89
C ALA A 14 -2.88 4.26 -2.21
N ILE A 15 -2.37 4.81 -3.31
CA ILE A 15 -2.60 4.20 -4.62
C ILE A 15 -2.11 2.76 -4.62
N LEU A 16 -0.95 2.55 -4.01
CA LEU A 16 -0.35 1.21 -3.92
C LEU A 16 -0.94 0.45 -2.73
N THR A 17 -1.39 1.18 -1.72
CA THR A 17 -1.98 0.54 -0.54
C THR A 17 -3.28 -0.13 -0.94
N GLU A 18 -3.96 0.46 -1.91
CA GLU A 18 -5.22 -0.07 -2.41
C GLU A 18 -4.99 -1.38 -3.14
N ALA A 19 -3.93 -1.43 -3.93
CA ALA A 19 -3.60 -2.64 -4.67
C ALA A 19 -3.40 -3.80 -3.71
N ILE A 20 -2.54 -3.57 -2.72
CA ILE A 20 -2.26 -4.58 -1.71
C ILE A 20 -3.46 -4.77 -0.78
N LYS A 21 -4.13 -3.68 -0.45
CA LYS A 21 -5.28 -3.77 0.45
C LYS A 21 -6.47 -4.48 -0.20
N ALA A 22 -6.87 -4.02 -1.38
CA ALA A 22 -7.99 -4.61 -2.08
C ALA A 22 -7.65 -5.93 -2.79
N CYS A 23 -6.51 -5.96 -3.46
CA CYS A 23 -6.10 -7.14 -4.21
C CYS A 23 -5.54 -8.26 -3.34
N PHE A 24 -4.43 -7.99 -2.65
CA PHE A 24 -3.77 -8.99 -1.81
C PHE A 24 -4.76 -9.92 -1.12
N GLN A 25 -5.92 -9.40 -0.76
CA GLN A 25 -6.93 -10.19 -0.08
C GLN A 25 -7.88 -10.84 -1.08
N LYS A 26 -8.40 -10.04 -1.99
CA LYS A 26 -9.35 -10.53 -2.97
C LYS A 26 -8.68 -11.40 -4.03
N SER A 27 -7.56 -10.95 -4.58
CA SER A 27 -6.86 -11.71 -5.62
C SER A 27 -5.42 -12.05 -5.24
N GLY A 28 -4.85 -11.34 -4.27
CA GLY A 28 -3.47 -11.58 -3.89
C GLY A 28 -2.52 -10.59 -4.55
N ALA A 29 -1.47 -10.18 -3.84
CA ALA A 29 -0.54 -9.21 -4.38
C ALA A 29 0.92 -9.62 -4.19
N SER A 30 1.71 -9.36 -5.22
CA SER A 30 3.14 -9.68 -5.21
C SER A 30 3.93 -8.49 -5.73
N VAL A 31 5.26 -8.60 -5.70
CA VAL A 31 6.11 -7.51 -6.19
C VAL A 31 5.72 -7.11 -7.62
N VAL A 32 5.42 -8.12 -8.44
CA VAL A 32 5.04 -7.87 -9.82
C VAL A 32 3.69 -7.16 -9.90
N ALA A 33 2.77 -7.52 -9.01
CA ALA A 33 1.45 -6.92 -8.98
C ALA A 33 1.55 -5.40 -8.89
N ILE A 34 2.38 -4.92 -7.96
CA ILE A 34 2.57 -3.49 -7.78
C ILE A 34 3.30 -2.89 -8.97
N ARG A 35 4.31 -3.58 -9.46
CA ARG A 35 5.08 -3.12 -10.61
C ARG A 35 4.21 -3.04 -11.85
N LYS A 36 3.53 -4.13 -12.16
CA LYS A 36 2.66 -4.17 -13.33
C LYS A 36 1.59 -3.09 -13.22
N TYR A 37 1.21 -2.78 -11.98
CA TYR A 37 0.20 -1.76 -11.73
C TYR A 37 0.69 -0.38 -12.15
N ILE A 38 1.91 -0.03 -11.75
CA ILE A 38 2.45 1.26 -12.16
C ILE A 38 2.60 1.30 -13.66
N ILE A 39 3.03 0.19 -14.23
CA ILE A 39 3.22 0.07 -15.67
C ILE A 39 1.90 0.21 -16.43
N HIS A 40 0.93 -0.61 -16.06
CA HIS A 40 -0.36 -0.61 -16.71
C HIS A 40 -1.26 0.54 -16.22
N LYS A 41 -1.32 0.73 -14.91
CA LYS A 41 -2.18 1.77 -14.34
C LYS A 41 -1.64 3.19 -14.50
N TYR A 42 -0.32 3.39 -14.40
CA TYR A 42 0.23 4.74 -14.50
C TYR A 42 1.43 4.84 -15.46
N PRO A 43 1.79 6.09 -15.85
CA PRO A 43 2.91 6.36 -16.74
C PRO A 43 4.22 6.47 -15.96
N SER A 44 4.10 6.95 -14.72
CA SER A 44 5.24 7.11 -13.81
C SER A 44 6.09 5.84 -13.73
N LEU A 45 5.53 4.72 -14.18
CA LEU A 45 6.19 3.43 -14.13
C LEU A 45 7.62 3.51 -14.64
N GLU A 46 7.92 4.50 -15.46
CA GLU A 46 9.28 4.64 -15.98
C GLU A 46 10.28 4.66 -14.84
N LEU A 47 10.11 5.61 -13.94
CA LEU A 47 10.96 5.74 -12.77
C LEU A 47 10.64 4.68 -11.72
N GLU A 48 9.35 4.53 -11.44
CA GLU A 48 8.85 3.58 -10.45
C GLU A 48 9.21 2.13 -10.77
N ARG A 49 9.34 1.81 -12.05
CA ARG A 49 9.64 0.43 -12.45
C ARG A 49 10.89 -0.09 -11.79
N ARG A 50 11.73 0.79 -11.30
CA ARG A 50 12.92 0.34 -10.62
C ARG A 50 12.55 -0.09 -9.21
N GLY A 51 11.26 -0.44 -9.03
CA GLY A 51 10.77 -0.85 -7.73
C GLY A 51 11.31 0.05 -6.64
N TYR A 52 11.48 1.31 -7.00
CA TYR A 52 12.02 2.28 -6.06
C TYR A 52 10.98 2.74 -5.06
N LEU A 53 9.91 3.32 -5.57
CA LEU A 53 8.85 3.82 -4.71
C LEU A 53 7.87 2.73 -4.30
N LEU A 54 7.41 1.94 -5.28
CA LEU A 54 6.44 0.89 -5.02
C LEU A 54 7.02 -0.37 -4.39
N LYS A 55 8.09 -0.92 -4.96
CA LYS A 55 8.68 -2.13 -4.40
C LYS A 55 9.24 -1.86 -3.03
N GLN A 56 9.90 -0.72 -2.88
CA GLN A 56 10.46 -0.36 -1.59
C GLN A 56 9.34 -0.26 -0.56
N ALA A 57 8.25 0.37 -0.95
CA ALA A 57 7.12 0.52 -0.06
C ALA A 57 6.40 -0.81 0.15
N LEU A 58 6.08 -1.47 -0.96
CA LEU A 58 5.39 -2.75 -0.91
C LEU A 58 6.26 -3.78 -0.21
N LYS A 59 7.49 -3.92 -0.70
CA LYS A 59 8.41 -4.89 -0.12
C LYS A 59 8.90 -4.49 1.27
N ARG A 60 9.00 -3.18 1.57
CA ARG A 60 9.45 -2.78 2.91
C ARG A 60 8.47 -3.22 3.97
N GLU A 61 7.20 -2.93 3.73
CA GLU A 61 6.15 -3.31 4.67
C GLU A 61 6.11 -4.82 4.82
N LEU A 62 6.06 -5.52 3.69
CA LEU A 62 6.04 -6.98 3.72
C LEU A 62 7.32 -7.51 4.33
N ASN A 63 8.45 -6.87 3.99
CA ASN A 63 9.74 -7.29 4.53
C ASN A 63 9.75 -7.14 6.04
N ARG A 64 8.97 -6.18 6.54
CA ARG A 64 8.90 -5.95 7.98
C ARG A 64 8.26 -7.12 8.69
N GLY A 65 7.08 -7.51 8.22
CA GLY A 65 6.37 -8.63 8.81
C GLY A 65 5.18 -9.04 7.99
N VAL A 66 5.30 -8.90 6.68
CA VAL A 66 4.22 -9.26 5.76
C VAL A 66 2.94 -8.51 6.10
N ILE A 67 3.10 -7.32 6.67
CA ILE A 67 1.95 -6.49 7.04
C ILE A 67 1.94 -5.17 6.28
N LYS A 68 0.77 -4.55 6.20
CA LYS A 68 0.62 -3.28 5.51
C LYS A 68 -0.47 -2.44 6.15
N GLN A 69 -0.11 -1.68 7.18
CA GLN A 69 -1.07 -0.84 7.89
C GLN A 69 -1.81 0.09 6.93
N VAL A 70 -3.07 -0.23 6.66
CA VAL A 70 -3.90 0.57 5.77
C VAL A 70 -4.74 1.56 6.54
N LYS A 71 -5.47 1.06 7.54
CA LYS A 71 -6.32 1.91 8.37
C LYS A 71 -5.57 2.40 9.60
N GLY A 72 -6.17 3.35 10.32
CA GLY A 72 -5.55 3.88 11.51
C GLY A 72 -5.60 2.93 12.69
N LYS A 73 -5.44 3.47 13.89
CA LYS A 73 -5.47 2.66 15.11
C LYS A 73 -6.24 3.38 16.20
N GLY A 74 -7.39 2.81 16.59
CA GLY A 74 -8.19 3.40 17.64
C GLY A 74 -9.18 4.42 17.08
N ALA A 75 -8.83 5.69 17.19
CA ALA A 75 -9.69 6.76 16.70
C ALA A 75 -10.18 6.47 15.29
N SER A 76 -9.37 5.74 14.54
CA SER A 76 -9.71 5.36 13.17
C SER A 76 -10.52 4.08 13.16
N GLY A 77 -10.56 3.40 12.02
CA GLY A 77 -11.30 2.16 11.91
C GLY A 77 -10.58 0.99 12.54
N SER A 78 -10.11 1.18 13.78
CA SER A 78 -9.40 0.13 14.51
C SER A 78 -8.18 -0.34 13.72
N PHE A 79 -7.32 -1.10 14.37
CA PHE A 79 -6.12 -1.62 13.74
C PHE A 79 -6.48 -2.55 12.58
N VAL A 80 -6.26 -2.10 11.36
CA VAL A 80 -6.57 -2.88 10.17
C VAL A 80 -5.31 -3.50 9.58
N VAL A 81 -5.32 -4.82 9.42
CA VAL A 81 -4.19 -5.54 8.86
C VAL A 81 -4.36 -5.75 7.36
N VAL A 82 -4.41 -4.66 6.61
CA VAL A 82 -4.57 -4.72 5.16
C VAL A 82 -5.86 -5.46 4.79
N GLN A 83 -6.00 -5.78 3.50
CA GLN A 83 -7.18 -6.47 3.01
C GLN A 83 -8.41 -5.59 3.06
N LYS A 84 -8.83 -5.27 4.27
CA LYS A 84 -10.00 -4.41 4.49
C LYS A 84 -10.19 -4.15 5.97
N SER A 85 -10.53 -5.20 6.69
CA SER A 85 -10.75 -5.10 8.13
C SER A 85 -10.64 -6.47 8.80
N ARG A 86 -9.55 -7.16 8.51
CA ARG A 86 -9.32 -8.48 9.09
C ARG A 86 -8.86 -8.38 10.54
N LYS A 87 -9.58 -7.60 11.34
CA LYS A 87 -9.23 -7.41 12.75
C LYS A 87 -10.30 -6.60 13.47
N THR A 88 -11.33 -7.27 13.94
CA THR A 88 -12.42 -6.61 14.65
C THR A 88 -13.14 -5.62 13.74
N GLY A 1 2.61 37.47 14.61
CA GLY A 1 2.27 37.33 13.17
C GLY A 1 2.63 35.96 12.62
N PRO A 2 2.15 34.88 13.26
CA PRO A 2 2.44 33.51 12.82
C PRO A 2 1.74 33.16 11.51
N GLY A 3 1.79 31.89 11.13
CA GLY A 3 1.15 31.45 9.90
C GLY A 3 1.44 30.00 9.58
N MET A 4 0.76 29.47 8.58
CA MET A 4 0.95 28.08 8.16
C MET A 4 1.57 28.01 6.78
N ALA A 5 2.24 26.90 6.48
CA ALA A 5 2.87 26.71 5.19
C ALA A 5 3.22 25.24 4.95
N SER A 6 2.20 24.42 4.75
CA SER A 6 2.39 23.00 4.53
C SER A 6 2.73 22.72 3.07
N SER A 7 3.21 21.51 2.79
CA SER A 7 3.57 21.12 1.43
C SER A 7 2.57 20.12 0.87
N PRO A 8 2.39 20.10 -0.46
CA PRO A 8 1.45 19.19 -1.13
C PRO A 8 1.82 17.73 -0.90
N ARG A 9 0.87 16.84 -1.18
CA ARG A 9 1.10 15.40 -1.00
C ARG A 9 0.49 14.62 -2.17
N PRO A 10 1.31 13.84 -2.91
CA PRO A 10 0.84 13.06 -4.05
C PRO A 10 -0.29 12.11 -3.66
N LYS A 11 -0.58 11.16 -4.55
CA LYS A 11 -1.65 10.18 -4.30
C LYS A 11 -1.15 8.76 -4.53
N MET A 12 0.06 8.64 -5.06
CA MET A 12 0.67 7.35 -5.35
C MET A 12 0.70 6.48 -4.10
N ASP A 13 0.85 7.10 -2.94
CA ASP A 13 0.90 6.38 -1.67
C ASP A 13 -0.35 5.52 -1.50
N ALA A 14 -1.51 6.10 -1.77
CA ALA A 14 -2.77 5.38 -1.64
C ALA A 14 -2.93 4.34 -2.73
N ILE A 15 -2.34 4.62 -3.89
CA ILE A 15 -2.40 3.68 -5.01
C ILE A 15 -1.82 2.34 -4.57
N LEU A 16 -0.71 2.41 -3.84
CA LEU A 16 -0.05 1.23 -3.31
C LEU A 16 -0.83 0.66 -2.14
N THR A 17 -1.45 1.54 -1.36
CA THR A 17 -2.24 1.11 -0.20
C THR A 17 -3.44 0.32 -0.69
N GLU A 18 -4.01 0.78 -1.79
CA GLU A 18 -5.17 0.13 -2.38
C GLU A 18 -4.79 -1.24 -2.93
N ALA A 19 -3.63 -1.33 -3.56
CA ALA A 19 -3.15 -2.57 -4.12
C ALA A 19 -3.01 -3.63 -3.03
N ILE A 20 -2.45 -3.24 -1.91
CA ILE A 20 -2.26 -4.16 -0.80
C ILE A 20 -3.60 -4.49 -0.13
N LYS A 21 -4.36 -3.46 0.20
CA LYS A 21 -5.65 -3.67 0.87
C LYS A 21 -6.70 -4.30 -0.05
N ALA A 22 -6.91 -3.70 -1.22
CA ALA A 22 -7.91 -4.20 -2.15
C ALA A 22 -7.45 -5.40 -2.98
N CYS A 23 -6.22 -5.36 -3.48
CA CYS A 23 -5.71 -6.43 -4.33
C CYS A 23 -5.26 -7.65 -3.53
N PHE A 24 -4.30 -7.47 -2.62
CA PHE A 24 -3.76 -8.59 -1.82
C PHE A 24 -4.83 -9.62 -1.49
N GLN A 25 -6.04 -9.16 -1.27
CA GLN A 25 -7.14 -10.05 -0.93
C GLN A 25 -7.88 -10.54 -2.16
N LYS A 26 -8.25 -9.61 -3.03
CA LYS A 26 -8.98 -9.96 -4.23
C LYS A 26 -8.09 -10.68 -5.27
N SER A 27 -6.91 -10.13 -5.54
CA SER A 27 -6.02 -10.72 -6.52
C SER A 27 -4.64 -11.09 -5.94
N GLY A 28 -4.28 -10.50 -4.81
CA GLY A 28 -2.99 -10.78 -4.22
C GLY A 28 -2.01 -9.66 -4.51
N ALA A 29 -1.09 -9.38 -3.59
CA ALA A 29 -0.12 -8.32 -3.79
C ALA A 29 1.32 -8.83 -3.72
N SER A 30 2.02 -8.68 -4.84
CA SER A 30 3.41 -9.10 -4.94
C SER A 30 4.23 -8.00 -5.62
N VAL A 31 5.55 -8.19 -5.68
CA VAL A 31 6.41 -7.21 -6.32
C VAL A 31 5.95 -6.90 -7.74
N VAL A 32 5.65 -7.96 -8.50
CA VAL A 32 5.20 -7.81 -9.87
C VAL A 32 3.83 -7.15 -9.94
N ALA A 33 2.94 -7.51 -9.02
CA ALA A 33 1.60 -6.94 -8.98
C ALA A 33 1.66 -5.42 -8.90
N ILE A 34 2.50 -4.92 -7.99
CA ILE A 34 2.64 -3.48 -7.82
C ILE A 34 3.34 -2.87 -9.03
N ARG A 35 4.38 -3.53 -9.52
CA ARG A 35 5.14 -3.04 -10.66
C ARG A 35 4.27 -3.01 -11.92
N LYS A 36 3.60 -4.12 -12.20
CA LYS A 36 2.74 -4.21 -13.36
C LYS A 36 1.64 -3.16 -13.28
N TYR A 37 1.24 -2.81 -12.07
CA TYR A 37 0.21 -1.82 -11.84
C TYR A 37 0.69 -0.44 -12.29
N ILE A 38 1.88 -0.06 -11.87
CA ILE A 38 2.41 1.23 -12.27
C ILE A 38 2.58 1.27 -13.77
N ILE A 39 3.05 0.16 -14.33
CA ILE A 39 3.27 0.04 -15.76
C ILE A 39 1.95 0.13 -16.53
N HIS A 40 0.99 -0.69 -16.14
CA HIS A 40 -0.30 -0.73 -16.79
C HIS A 40 -1.22 0.41 -16.36
N LYS A 41 -1.31 0.63 -15.05
CA LYS A 41 -2.19 1.66 -14.52
C LYS A 41 -1.69 3.10 -14.75
N TYR A 42 -0.40 3.35 -14.56
CA TYR A 42 0.10 4.72 -14.72
C TYR A 42 1.33 4.81 -15.63
N PRO A 43 1.70 6.05 -16.02
CA PRO A 43 2.86 6.31 -16.89
C PRO A 43 4.14 6.45 -16.06
N SER A 44 3.98 6.93 -14.82
CA SER A 44 5.08 7.12 -13.87
C SER A 44 5.96 5.87 -13.77
N LEU A 45 5.44 4.74 -14.24
CA LEU A 45 6.14 3.47 -14.17
C LEU A 45 7.58 3.58 -14.63
N GLU A 46 7.89 4.58 -15.45
CA GLU A 46 9.25 4.75 -15.93
C GLU A 46 10.23 4.79 -14.75
N LEU A 47 10.01 5.73 -13.86
CA LEU A 47 10.83 5.89 -12.68
C LEU A 47 10.50 4.82 -11.64
N GLU A 48 9.21 4.63 -11.39
CA GLU A 48 8.73 3.67 -10.39
C GLU A 48 9.12 2.22 -10.72
N ARG A 49 9.28 1.91 -12.01
CA ARG A 49 9.60 0.54 -12.40
C ARG A 49 10.86 0.04 -11.73
N ARG A 50 11.69 0.94 -11.23
CA ARG A 50 12.88 0.51 -10.54
C ARG A 50 12.51 0.04 -9.15
N GLY A 51 11.25 -0.34 -8.98
CA GLY A 51 10.75 -0.79 -7.69
C GLY A 51 11.27 0.09 -6.59
N TYR A 52 11.41 1.37 -6.90
CA TYR A 52 11.92 2.32 -5.95
C TYR A 52 10.86 2.75 -4.94
N LEU A 53 9.78 3.32 -5.45
CA LEU A 53 8.70 3.77 -4.58
C LEU A 53 7.76 2.65 -4.18
N LEU A 54 7.33 1.87 -5.18
CA LEU A 54 6.38 0.79 -4.94
C LEU A 54 6.99 -0.46 -4.31
N LYS A 55 8.10 -0.96 -4.87
CA LYS A 55 8.71 -2.15 -4.32
C LYS A 55 9.24 -1.88 -2.93
N GLN A 56 9.84 -0.72 -2.75
CA GLN A 56 10.36 -0.35 -1.44
C GLN A 56 9.24 -0.32 -0.44
N ALA A 57 8.11 0.27 -0.84
CA ALA A 57 6.96 0.35 0.04
C ALA A 57 6.30 -1.01 0.21
N LEU A 58 6.02 -1.67 -0.90
CA LEU A 58 5.41 -2.99 -0.86
C LEU A 58 6.34 -3.98 -0.17
N LYS A 59 7.58 -4.04 -0.65
CA LYS A 59 8.56 -4.95 -0.09
C LYS A 59 8.94 -4.56 1.34
N ARG A 60 8.93 -3.26 1.67
CA ARG A 60 9.26 -2.86 3.04
C ARG A 60 8.25 -3.44 4.01
N GLU A 61 6.99 -3.46 3.58
CA GLU A 61 5.91 -4.01 4.39
C GLU A 61 6.10 -5.51 4.54
N LEU A 62 6.23 -6.20 3.41
CA LEU A 62 6.43 -7.64 3.40
C LEU A 62 7.74 -7.97 4.12
N ASN A 63 8.74 -7.12 3.93
CA ASN A 63 10.03 -7.33 4.57
C ASN A 63 9.90 -7.17 6.08
N ARG A 64 8.86 -6.44 6.51
CA ARG A 64 8.61 -6.22 7.92
C ARG A 64 7.84 -7.37 8.53
N GLY A 65 6.83 -7.86 7.81
CA GLY A 65 6.03 -8.97 8.30
C GLY A 65 5.21 -9.64 7.23
N VAL A 66 5.77 -9.70 6.03
CA VAL A 66 5.11 -10.33 4.89
C VAL A 66 3.72 -9.75 4.65
N ILE A 67 3.49 -8.53 5.13
CA ILE A 67 2.20 -7.86 4.95
C ILE A 67 2.26 -6.41 5.40
N LYS A 68 1.16 -5.68 5.20
CA LYS A 68 1.08 -4.29 5.59
C LYS A 68 0.24 -4.12 6.85
N GLN A 69 0.35 -2.96 7.49
CA GLN A 69 -0.41 -2.69 8.71
C GLN A 69 -1.75 -2.03 8.39
N VAL A 70 -2.34 -2.39 7.26
CA VAL A 70 -3.63 -1.84 6.87
C VAL A 70 -4.71 -2.19 7.88
N LYS A 71 -5.20 -1.19 8.60
CA LYS A 71 -6.23 -1.41 9.61
C LYS A 71 -5.70 -2.29 10.73
N GLY A 72 -6.60 -2.79 11.56
CA GLY A 72 -6.20 -3.65 12.66
C GLY A 72 -4.98 -3.14 13.41
N LYS A 73 -5.18 -2.10 14.21
CA LYS A 73 -4.09 -1.52 14.98
C LYS A 73 -4.61 -0.46 15.94
N GLY A 74 -4.45 -0.72 17.24
CA GLY A 74 -4.91 0.21 18.25
C GLY A 74 -6.40 0.49 18.16
N ALA A 75 -6.75 1.71 17.80
CA ALA A 75 -8.15 2.10 17.68
C ALA A 75 -8.94 1.15 16.79
N SER A 76 -8.22 0.50 15.88
CA SER A 76 -8.84 -0.45 14.96
C SER A 76 -8.83 -1.87 15.54
N GLY A 77 -8.96 -2.86 14.68
CA GLY A 77 -8.96 -4.24 15.13
C GLY A 77 -7.81 -4.58 16.07
N SER A 78 -6.78 -3.72 16.07
CA SER A 78 -5.60 -3.90 16.93
C SER A 78 -4.53 -4.73 16.22
N PHE A 79 -4.91 -5.43 15.15
CA PHE A 79 -3.97 -6.25 14.38
C PHE A 79 -4.72 -7.11 13.36
N VAL A 80 -4.71 -6.70 12.09
CA VAL A 80 -5.39 -7.44 11.05
C VAL A 80 -4.40 -7.94 9.99
N VAL A 81 -4.91 -8.63 8.98
CA VAL A 81 -4.08 -9.16 7.92
C VAL A 81 -4.43 -8.53 6.57
N VAL A 82 -4.48 -7.20 6.53
CA VAL A 82 -4.80 -6.48 5.32
C VAL A 82 -6.18 -6.88 4.79
N GLN A 83 -6.43 -6.62 3.51
CA GLN A 83 -7.70 -6.96 2.89
C GLN A 83 -8.80 -6.02 3.37
N LYS A 84 -9.16 -6.15 4.63
CA LYS A 84 -10.19 -5.32 5.23
C LYS A 84 -10.36 -5.65 6.71
N SER A 85 -11.16 -6.67 7.00
CA SER A 85 -11.41 -7.09 8.37
C SER A 85 -11.27 -8.60 8.51
N ARG A 86 -10.26 -9.17 7.85
CA ARG A 86 -10.03 -10.60 7.91
C ARG A 86 -9.27 -10.97 9.19
N LYS A 87 -9.78 -10.52 10.33
CA LYS A 87 -9.15 -10.80 11.61
C LYS A 87 -10.11 -10.54 12.77
N THR A 88 -11.30 -11.10 12.68
CA THR A 88 -12.32 -10.92 13.71
C THR A 88 -12.98 -12.25 14.05
N GLY A 1 7.94 40.28 2.83
CA GLY A 1 8.07 39.25 1.76
C GLY A 1 7.65 37.87 2.22
N PRO A 2 7.91 36.83 1.41
CA PRO A 2 7.54 35.45 1.75
C PRO A 2 8.38 34.90 2.90
N GLY A 3 7.73 34.60 4.03
CA GLY A 3 8.43 34.07 5.17
C GLY A 3 7.86 32.74 5.65
N MET A 4 7.28 32.00 4.72
CA MET A 4 6.69 30.70 5.04
C MET A 4 6.43 29.88 3.78
N ALA A 5 6.19 28.60 3.95
CA ALA A 5 5.92 27.71 2.83
C ALA A 5 5.55 26.30 3.31
N SER A 6 4.81 25.58 2.47
CA SER A 6 4.39 24.22 2.80
C SER A 6 4.71 23.26 1.66
N SER A 7 4.75 21.97 1.98
CA SER A 7 5.05 20.96 0.98
C SER A 7 3.80 20.16 0.62
N PRO A 8 3.55 19.92 -0.69
CA PRO A 8 2.38 19.17 -1.15
C PRO A 8 2.38 17.73 -0.62
N ARG A 9 1.23 17.08 -0.69
CA ARG A 9 1.08 15.69 -0.24
C ARG A 9 0.53 14.81 -1.36
N PRO A 10 1.33 13.87 -1.87
CA PRO A 10 0.90 12.96 -2.94
C PRO A 10 -0.19 12.01 -2.50
N LYS A 11 -0.72 11.24 -3.44
CA LYS A 11 -1.79 10.28 -3.14
C LYS A 11 -1.45 8.90 -3.70
N MET A 12 -0.39 8.83 -4.50
CA MET A 12 0.04 7.59 -5.10
C MET A 12 0.32 6.52 -4.04
N ASP A 13 0.80 6.97 -2.88
CA ASP A 13 1.11 6.06 -1.79
C ASP A 13 -0.12 5.26 -1.39
N ALA A 14 -1.27 5.93 -1.38
CA ALA A 14 -2.53 5.28 -1.02
C ALA A 14 -3.02 4.37 -2.14
N ILE A 15 -2.70 4.74 -3.38
CA ILE A 15 -3.09 3.94 -4.52
C ILE A 15 -2.54 2.53 -4.38
N LEU A 16 -1.29 2.44 -3.93
CA LEU A 16 -0.64 1.16 -3.72
C LEU A 16 -1.04 0.58 -2.37
N THR A 17 -1.37 1.45 -1.42
CA THR A 17 -1.79 1.00 -0.09
C THR A 17 -3.06 0.19 -0.23
N GLU A 18 -3.89 0.59 -1.18
CA GLU A 18 -5.14 -0.08 -1.46
C GLU A 18 -4.86 -1.46 -2.03
N ALA A 19 -3.81 -1.57 -2.83
CA ALA A 19 -3.43 -2.84 -3.43
C ALA A 19 -3.09 -3.86 -2.34
N ILE A 20 -2.41 -3.38 -1.30
CA ILE A 20 -2.02 -4.26 -0.21
C ILE A 20 -3.25 -4.65 0.62
N LYS A 21 -4.03 -3.66 1.01
CA LYS A 21 -5.22 -3.91 1.82
C LYS A 21 -6.32 -4.60 1.02
N ALA A 22 -6.69 -4.03 -0.12
CA ALA A 22 -7.76 -4.59 -0.95
C ALA A 22 -7.33 -5.78 -1.81
N CYS A 23 -6.16 -5.69 -2.43
CA CYS A 23 -5.70 -6.75 -3.32
C CYS A 23 -5.11 -7.95 -2.58
N PHE A 24 -4.11 -7.72 -1.74
CA PHE A 24 -3.46 -8.80 -0.99
C PHE A 24 -4.44 -9.86 -0.49
N GLN A 25 -5.67 -9.45 -0.25
CA GLN A 25 -6.68 -10.37 0.24
C GLN A 25 -7.55 -10.89 -0.91
N LYS A 26 -8.00 -9.99 -1.76
CA LYS A 26 -8.84 -10.35 -2.89
C LYS A 26 -8.05 -11.08 -3.96
N SER A 27 -6.88 -10.56 -4.33
CA SER A 27 -6.06 -11.16 -5.37
C SER A 27 -4.68 -11.57 -4.85
N GLY A 28 -4.24 -11.00 -3.74
CA GLY A 28 -2.93 -11.32 -3.21
C GLY A 28 -1.82 -10.54 -3.88
N ALA A 29 -1.95 -9.21 -3.87
CA ALA A 29 -0.97 -8.33 -4.50
C ALA A 29 0.47 -8.76 -4.19
N SER A 30 1.32 -8.66 -5.20
CA SER A 30 2.72 -9.05 -5.08
C SER A 30 3.61 -7.97 -5.71
N VAL A 31 4.94 -8.16 -5.59
CA VAL A 31 5.89 -7.20 -6.15
C VAL A 31 5.60 -6.93 -7.62
N VAL A 32 5.32 -7.99 -8.37
CA VAL A 32 5.02 -7.89 -9.79
C VAL A 32 3.70 -7.15 -10.02
N ALA A 33 2.71 -7.44 -9.17
CA ALA A 33 1.41 -6.80 -9.29
C ALA A 33 1.54 -5.28 -9.21
N ILE A 34 2.29 -4.80 -8.22
CA ILE A 34 2.50 -3.38 -8.05
C ILE A 34 3.30 -2.82 -9.21
N ARG A 35 4.35 -3.55 -9.62
CA ARG A 35 5.19 -3.12 -10.73
C ARG A 35 4.39 -3.07 -12.02
N LYS A 36 3.75 -4.18 -12.36
CA LYS A 36 2.93 -4.24 -13.56
C LYS A 36 1.85 -3.17 -13.53
N TYR A 37 1.42 -2.84 -12.32
CA TYR A 37 0.39 -1.82 -12.14
C TYR A 37 0.90 -0.46 -12.57
N ILE A 38 2.08 -0.07 -12.08
CA ILE A 38 2.63 1.21 -12.47
C ILE A 38 2.87 1.23 -13.97
N ILE A 39 3.36 0.12 -14.49
CA ILE A 39 3.65 0.00 -15.91
C ILE A 39 2.38 0.09 -16.75
N HIS A 40 1.41 -0.75 -16.44
CA HIS A 40 0.16 -0.80 -17.17
C HIS A 40 -0.80 0.30 -16.75
N LYS A 41 -0.95 0.49 -15.44
CA LYS A 41 -1.89 1.50 -14.93
C LYS A 41 -1.40 2.94 -15.06
N TYR A 42 -0.10 3.19 -14.87
CA TYR A 42 0.40 4.56 -14.94
C TYR A 42 1.64 4.73 -15.83
N PRO A 43 1.97 5.99 -16.17
CA PRO A 43 3.13 6.31 -17.01
C PRO A 43 4.40 6.48 -16.17
N SER A 44 4.21 6.92 -14.92
CA SER A 44 5.29 7.10 -13.96
C SER A 44 6.19 5.88 -13.86
N LEU A 45 5.69 4.74 -14.34
CA LEU A 45 6.42 3.48 -14.28
C LEU A 45 7.86 3.62 -14.72
N GLU A 46 8.16 4.63 -15.51
CA GLU A 46 9.53 4.84 -15.96
C GLU A 46 10.48 4.86 -14.77
N LEU A 47 10.23 5.80 -13.88
CA LEU A 47 11.03 5.93 -12.66
C LEU A 47 10.69 4.85 -11.65
N GLU A 48 9.39 4.66 -11.42
CA GLU A 48 8.88 3.68 -10.46
C GLU A 48 9.27 2.25 -10.79
N ARG A 49 9.48 1.95 -12.07
CA ARG A 49 9.82 0.59 -12.47
C ARG A 49 11.04 0.06 -11.75
N ARG A 50 11.84 0.94 -11.20
CA ARG A 50 12.99 0.50 -10.45
C ARG A 50 12.53 0.05 -9.07
N GLY A 51 11.25 -0.31 -8.97
CA GLY A 51 10.69 -0.74 -7.70
C GLY A 51 11.16 0.16 -6.58
N TYR A 52 11.34 1.42 -6.91
CA TYR A 52 11.83 2.39 -5.95
C TYR A 52 10.74 2.85 -4.99
N LEU A 53 9.69 3.42 -5.55
CA LEU A 53 8.58 3.91 -4.74
C LEU A 53 7.61 2.80 -4.37
N LEU A 54 7.21 2.03 -5.36
CA LEU A 54 6.22 0.96 -5.15
C LEU A 54 6.79 -0.29 -4.48
N LYS A 55 7.90 -0.81 -4.99
CA LYS A 55 8.48 -2.01 -4.41
C LYS A 55 8.95 -1.73 -3.00
N GLN A 56 9.55 -0.57 -2.80
CA GLN A 56 10.01 -0.19 -1.48
C GLN A 56 8.85 -0.16 -0.52
N ALA A 57 7.75 0.43 -0.95
CA ALA A 57 6.57 0.52 -0.11
C ALA A 57 5.90 -0.84 0.03
N LEU A 58 5.67 -1.52 -1.08
CA LEU A 58 5.04 -2.81 -1.06
C LEU A 58 5.93 -3.82 -0.34
N LYS A 59 7.18 -3.89 -0.79
CA LYS A 59 8.14 -4.81 -0.20
C LYS A 59 8.53 -4.41 1.23
N ARG A 60 8.53 -3.10 1.56
CA ARG A 60 8.90 -2.70 2.91
C ARG A 60 7.97 -3.35 3.93
N GLU A 61 6.71 -3.44 3.59
CA GLU A 61 5.72 -4.04 4.46
C GLU A 61 5.96 -5.54 4.55
N LEU A 62 6.03 -6.18 3.39
CA LEU A 62 6.27 -7.62 3.34
C LEU A 62 7.65 -7.93 3.91
N ASN A 63 8.59 -7.01 3.70
CA ASN A 63 9.95 -7.19 4.21
C ASN A 63 9.96 -7.16 5.73
N ARG A 64 9.01 -6.43 6.31
CA ARG A 64 8.93 -6.34 7.77
C ARG A 64 8.67 -7.72 8.36
N GLY A 65 7.66 -8.39 7.83
CA GLY A 65 7.32 -9.73 8.30
C GLY A 65 6.20 -10.32 7.49
N VAL A 66 6.17 -9.98 6.21
CA VAL A 66 5.13 -10.47 5.31
C VAL A 66 3.74 -10.06 5.79
N ILE A 67 3.70 -9.03 6.63
CA ILE A 67 2.44 -8.53 7.18
C ILE A 67 2.70 -7.41 8.18
N LYS A 68 2.21 -6.22 7.88
CA LYS A 68 2.39 -5.06 8.74
C LYS A 68 1.08 -4.62 9.38
N GLN A 69 0.28 -3.85 8.63
CA GLN A 69 -1.01 -3.36 9.12
C GLN A 69 -1.61 -2.37 8.15
N VAL A 70 -2.85 -1.96 8.42
CA VAL A 70 -3.55 -1.00 7.56
C VAL A 70 -4.18 0.11 8.39
N LYS A 71 -4.84 -0.26 9.48
CA LYS A 71 -5.49 0.69 10.35
C LYS A 71 -4.51 1.29 11.36
N GLY A 72 -5.04 1.97 12.37
CA GLY A 72 -4.19 2.58 13.38
C GLY A 72 -4.52 2.12 14.78
N LYS A 73 -4.26 0.85 15.08
CA LYS A 73 -4.51 0.29 16.40
C LYS A 73 -5.87 0.73 16.95
N GLY A 74 -6.03 0.63 18.28
CA GLY A 74 -7.27 1.00 18.94
C GLY A 74 -7.90 2.26 18.40
N ALA A 75 -7.08 3.15 17.84
CA ALA A 75 -7.58 4.41 17.29
C ALA A 75 -8.08 4.23 15.85
N SER A 76 -8.82 3.14 15.63
CA SER A 76 -9.36 2.84 14.31
C SER A 76 -10.14 1.53 14.35
N GLY A 77 -10.32 0.91 13.18
CA GLY A 77 -11.04 -0.35 13.11
C GLY A 77 -10.63 -1.34 14.18
N SER A 78 -9.40 -1.20 14.68
CA SER A 78 -8.87 -2.07 15.72
C SER A 78 -8.37 -3.39 15.13
N PHE A 79 -7.12 -3.72 15.42
CA PHE A 79 -6.51 -4.95 14.92
C PHE A 79 -6.70 -5.08 13.41
N VAL A 80 -5.66 -4.70 12.67
CA VAL A 80 -5.70 -4.78 11.21
C VAL A 80 -4.31 -4.98 10.63
N VAL A 81 -3.97 -6.24 10.33
CA VAL A 81 -2.68 -6.56 9.77
C VAL A 81 -2.68 -6.33 8.26
N VAL A 82 -3.82 -6.63 7.63
CA VAL A 82 -3.98 -6.46 6.19
C VAL A 82 -5.37 -6.90 5.74
N GLN A 83 -5.61 -6.84 4.44
CA GLN A 83 -6.90 -7.23 3.88
C GLN A 83 -7.99 -6.23 4.22
N LYS A 84 -8.33 -6.16 5.49
CA LYS A 84 -9.36 -5.25 5.96
C LYS A 84 -9.53 -5.35 7.48
N SER A 85 -10.40 -6.24 7.91
CA SER A 85 -10.66 -6.45 9.32
C SER A 85 -10.36 -7.89 9.73
N ARG A 86 -9.32 -8.46 9.16
CA ARG A 86 -8.93 -9.82 9.46
C ARG A 86 -8.03 -9.88 10.71
N LYS A 87 -8.47 -9.24 11.78
CA LYS A 87 -7.71 -9.21 13.01
C LYS A 87 -7.44 -10.63 13.51
N THR A 88 -6.40 -10.77 14.33
CA THR A 88 -6.02 -12.07 14.88
C THR A 88 -5.32 -11.92 16.22
N GLY A 1 -18.28 32.13 -4.56
CA GLY A 1 -17.13 32.94 -5.08
C GLY A 1 -15.97 32.06 -5.52
N PRO A 2 -15.19 32.52 -6.50
CA PRO A 2 -14.03 31.77 -7.01
C PRO A 2 -12.86 31.78 -6.03
N GLY A 3 -13.09 31.20 -4.85
CA GLY A 3 -12.05 31.15 -3.84
C GLY A 3 -12.12 29.89 -3.01
N MET A 4 -11.24 28.94 -3.30
CA MET A 4 -11.21 27.68 -2.56
C MET A 4 -10.22 27.76 -1.40
N ALA A 5 -10.13 26.67 -0.64
CA ALA A 5 -9.23 26.62 0.51
C ALA A 5 -8.58 25.24 0.64
N SER A 6 -7.68 25.10 1.60
CA SER A 6 -7.00 23.84 1.83
C SER A 6 -6.19 23.42 0.61
N SER A 7 -5.47 22.32 0.73
CA SER A 7 -4.65 21.81 -0.38
C SER A 7 -5.11 20.43 -0.80
N PRO A 8 -4.94 20.08 -2.09
CA PRO A 8 -5.33 18.77 -2.62
C PRO A 8 -4.77 17.62 -1.80
N ARG A 9 -5.44 16.47 -1.87
CA ARG A 9 -5.01 15.29 -1.13
C ARG A 9 -4.47 14.23 -2.09
N PRO A 10 -3.16 13.94 -2.03
CA PRO A 10 -2.54 12.93 -2.90
C PRO A 10 -3.27 11.60 -2.85
N LYS A 11 -3.07 10.78 -3.88
CA LYS A 11 -3.71 9.46 -3.96
C LYS A 11 -2.69 8.38 -4.31
N MET A 12 -1.48 8.80 -4.64
CA MET A 12 -0.43 7.88 -5.01
C MET A 12 -0.06 6.94 -3.86
N ASP A 13 -0.16 7.46 -2.65
CA ASP A 13 0.15 6.67 -1.46
C ASP A 13 -0.93 5.63 -1.21
N ALA A 14 -2.18 6.00 -1.50
CA ALA A 14 -3.31 5.11 -1.30
C ALA A 14 -3.41 4.06 -2.40
N ILE A 15 -2.95 4.40 -3.60
CA ILE A 15 -3.00 3.46 -4.70
C ILE A 15 -2.24 2.20 -4.34
N LEU A 16 -1.09 2.38 -3.69
CA LEU A 16 -0.26 1.28 -3.26
C LEU A 16 -0.80 0.69 -1.95
N THR A 17 -1.35 1.55 -1.09
CA THR A 17 -1.91 1.10 0.18
C THR A 17 -3.14 0.25 -0.06
N GLU A 18 -3.93 0.66 -1.04
CA GLU A 18 -5.14 -0.05 -1.40
C GLU A 18 -4.81 -1.42 -2.00
N ALA A 19 -3.67 -1.48 -2.67
CA ALA A 19 -3.23 -2.72 -3.29
C ALA A 19 -2.95 -3.78 -2.23
N ILE A 20 -2.14 -3.43 -1.25
CA ILE A 20 -1.81 -4.36 -0.18
C ILE A 20 -3.05 -4.69 0.65
N LYS A 21 -3.80 -3.67 1.06
CA LYS A 21 -4.99 -3.89 1.86
C LYS A 21 -6.12 -4.55 1.07
N ALA A 22 -6.47 -3.94 -0.06
CA ALA A 22 -7.55 -4.45 -0.90
C ALA A 22 -7.16 -5.63 -1.79
N CYS A 23 -5.99 -5.56 -2.41
CA CYS A 23 -5.55 -6.61 -3.32
C CYS A 23 -5.02 -7.85 -2.60
N PHE A 24 -4.06 -7.67 -1.71
CA PHE A 24 -3.46 -8.79 -0.98
C PHE A 24 -4.50 -9.81 -0.54
N GLN A 25 -5.72 -9.36 -0.33
CA GLN A 25 -6.80 -10.24 0.10
C GLN A 25 -7.59 -10.75 -1.11
N LYS A 26 -7.97 -9.83 -1.97
CA LYS A 26 -8.76 -10.16 -3.16
C LYS A 26 -7.91 -10.90 -4.20
N SER A 27 -6.73 -10.38 -4.49
CA SER A 27 -5.87 -10.99 -5.50
C SER A 27 -4.51 -11.43 -4.94
N GLY A 28 -4.12 -10.87 -3.80
CA GLY A 28 -2.84 -11.23 -3.21
C GLY A 28 -1.70 -10.40 -3.78
N ALA A 29 -1.88 -9.07 -3.75
CA ALA A 29 -0.88 -8.13 -4.26
C ALA A 29 0.56 -8.60 -4.01
N SER A 30 1.38 -8.50 -5.05
CA SER A 30 2.78 -8.89 -4.98
C SER A 30 3.65 -7.83 -5.63
N VAL A 31 4.97 -8.02 -5.56
CA VAL A 31 5.90 -7.06 -6.15
C VAL A 31 5.56 -6.80 -7.61
N VAL A 32 5.24 -7.88 -8.34
CA VAL A 32 4.89 -7.77 -9.75
C VAL A 32 3.58 -7.03 -9.94
N ALA A 33 2.60 -7.30 -9.07
CA ALA A 33 1.30 -6.66 -9.16
C ALA A 33 1.45 -5.14 -9.17
N ILE A 34 2.24 -4.63 -8.24
CA ILE A 34 2.47 -3.19 -8.16
C ILE A 34 3.26 -2.71 -9.36
N ARG A 35 4.29 -3.44 -9.73
CA ARG A 35 5.14 -3.09 -10.87
C ARG A 35 4.32 -3.05 -12.15
N LYS A 36 3.64 -4.15 -12.43
CA LYS A 36 2.80 -4.22 -13.63
C LYS A 36 1.73 -3.14 -13.59
N TYR A 37 1.33 -2.78 -12.38
CA TYR A 37 0.32 -1.75 -12.21
C TYR A 37 0.86 -0.39 -12.62
N ILE A 38 2.05 -0.03 -12.13
CA ILE A 38 2.61 1.25 -12.51
C ILE A 38 2.87 1.28 -14.01
N ILE A 39 3.30 0.14 -14.54
CA ILE A 39 3.59 0.02 -15.96
C ILE A 39 2.32 0.16 -16.80
N HIS A 40 1.33 -0.67 -16.49
CA HIS A 40 0.07 -0.66 -17.22
C HIS A 40 -0.85 0.48 -16.78
N LYS A 41 -1.00 0.66 -15.47
CA LYS A 41 -1.89 1.69 -14.94
C LYS A 41 -1.35 3.12 -15.08
N TYR A 42 -0.05 3.32 -14.87
CA TYR A 42 0.51 4.69 -14.95
C TYR A 42 1.74 4.80 -15.84
N PRO A 43 2.12 6.04 -16.19
CA PRO A 43 3.28 6.33 -17.02
C PRO A 43 4.55 6.44 -16.18
N SER A 44 4.38 6.89 -14.94
CA SER A 44 5.47 7.05 -13.98
C SER A 44 6.33 5.79 -13.88
N LEU A 45 5.82 4.67 -14.37
CA LEU A 45 6.51 3.40 -14.31
C LEU A 45 7.96 3.52 -14.74
N GLU A 46 8.27 4.52 -15.54
CA GLU A 46 9.65 4.72 -15.99
C GLU A 46 10.59 4.74 -14.79
N LEU A 47 10.34 5.68 -13.91
CA LEU A 47 11.12 5.83 -12.68
C LEU A 47 10.75 4.76 -11.66
N GLU A 48 9.45 4.58 -11.46
CA GLU A 48 8.93 3.62 -10.49
C GLU A 48 9.33 2.18 -10.80
N ARG A 49 9.54 1.86 -12.07
CA ARG A 49 9.91 0.50 -12.45
C ARG A 49 11.12 0.00 -11.72
N ARG A 50 11.92 0.90 -11.18
CA ARG A 50 13.07 0.49 -10.43
C ARG A 50 12.64 0.03 -9.05
N GLY A 51 11.36 -0.35 -8.95
CA GLY A 51 10.80 -0.79 -7.67
C GLY A 51 11.25 0.12 -6.56
N TYR A 52 11.39 1.38 -6.89
CA TYR A 52 11.84 2.37 -5.92
C TYR A 52 10.72 2.79 -4.98
N LEU A 53 9.66 3.34 -5.55
CA LEU A 53 8.54 3.80 -4.75
C LEU A 53 7.59 2.66 -4.39
N LEU A 54 7.22 1.88 -5.39
CA LEU A 54 6.28 0.78 -5.20
C LEU A 54 6.87 -0.45 -4.53
N LYS A 55 7.99 -0.95 -5.03
CA LYS A 55 8.60 -2.14 -4.45
C LYS A 55 9.06 -1.86 -3.03
N GLN A 56 9.64 -0.68 -2.84
CA GLN A 56 10.09 -0.30 -1.52
C GLN A 56 8.92 -0.27 -0.57
N ALA A 57 7.83 0.32 -1.01
CA ALA A 57 6.63 0.40 -0.19
C ALA A 57 5.97 -0.96 -0.04
N LEU A 58 5.75 -1.63 -1.17
CA LEU A 58 5.15 -2.95 -1.15
C LEU A 58 6.03 -3.93 -0.39
N LYS A 59 7.28 -4.02 -0.82
CA LYS A 59 8.24 -4.92 -0.19
C LYS A 59 8.58 -4.48 1.24
N ARG A 60 8.55 -3.17 1.53
CA ARG A 60 8.86 -2.75 2.89
C ARG A 60 7.91 -3.40 3.88
N GLU A 61 6.67 -3.59 3.45
CA GLU A 61 5.66 -4.23 4.27
C GLU A 61 5.98 -5.71 4.41
N LEU A 62 6.17 -6.36 3.26
CA LEU A 62 6.49 -7.78 3.23
C LEU A 62 7.82 -8.03 3.93
N ASN A 63 8.75 -7.09 3.77
CA ASN A 63 10.07 -7.21 4.38
C ASN A 63 9.98 -7.00 5.90
N ARG A 64 9.02 -6.18 6.32
CA ARG A 64 8.83 -5.90 7.73
C ARG A 64 8.32 -7.13 8.47
N GLY A 65 7.30 -7.76 7.90
CA GLY A 65 6.74 -8.96 8.51
C GLY A 65 5.75 -9.65 7.58
N VAL A 66 6.05 -9.60 6.29
CA VAL A 66 5.19 -10.24 5.29
C VAL A 66 3.83 -9.56 5.23
N ILE A 67 3.83 -8.23 5.15
CA ILE A 67 2.59 -7.44 5.08
C ILE A 67 1.58 -7.91 6.13
N LYS A 68 2.04 -7.98 7.37
CA LYS A 68 1.19 -8.40 8.47
C LYS A 68 0.64 -7.20 9.23
N GLN A 69 0.48 -6.08 8.53
CA GLN A 69 -0.02 -4.87 9.15
C GLN A 69 -0.93 -4.09 8.20
N VAL A 70 -2.23 -4.36 8.29
CA VAL A 70 -3.21 -3.69 7.44
C VAL A 70 -4.28 -2.99 8.28
N LYS A 71 -4.89 -3.74 9.20
CA LYS A 71 -5.92 -3.18 10.06
C LYS A 71 -5.32 -2.32 11.15
N GLY A 72 -6.11 -1.95 12.15
CA GLY A 72 -5.62 -1.13 13.24
C GLY A 72 -6.01 -1.66 14.60
N LYS A 73 -5.25 -1.26 15.62
CA LYS A 73 -5.52 -1.69 16.98
C LYS A 73 -6.58 -0.81 17.64
N GLY A 74 -7.44 -1.41 18.44
CA GLY A 74 -8.50 -0.67 19.10
C GLY A 74 -9.47 -0.06 18.11
N ALA A 75 -10.75 -0.11 18.44
CA ALA A 75 -11.78 0.43 17.55
C ALA A 75 -11.93 -0.42 16.32
N SER A 76 -10.88 -0.45 15.51
CA SER A 76 -10.84 -1.24 14.28
C SER A 76 -11.04 -2.72 14.60
N GLY A 77 -10.58 -3.57 13.70
CA GLY A 77 -10.71 -5.00 13.90
C GLY A 77 -10.10 -5.50 15.20
N SER A 78 -9.40 -4.61 15.92
CA SER A 78 -8.75 -4.97 17.19
C SER A 78 -7.39 -5.61 16.93
N PHE A 79 -6.77 -5.23 15.83
CA PHE A 79 -5.46 -5.76 15.45
C PHE A 79 -5.01 -5.13 14.13
N VAL A 80 -3.89 -5.62 13.61
CA VAL A 80 -3.36 -5.11 12.35
C VAL A 80 -3.03 -6.27 11.40
N VAL A 81 -4.05 -7.03 11.05
CA VAL A 81 -3.88 -8.18 10.15
C VAL A 81 -4.40 -7.87 8.75
N VAL A 82 -3.97 -8.67 7.78
CA VAL A 82 -4.39 -8.48 6.39
C VAL A 82 -5.87 -8.75 6.23
N GLN A 83 -6.46 -8.16 5.18
CA GLN A 83 -7.87 -8.33 4.90
C GLN A 83 -8.22 -9.79 4.72
N LYS A 84 -7.24 -10.57 4.25
CA LYS A 84 -7.43 -12.00 4.01
C LYS A 84 -8.10 -12.66 5.21
N SER A 85 -7.87 -12.09 6.39
CA SER A 85 -8.45 -12.62 7.62
C SER A 85 -8.38 -11.59 8.73
N ARG A 86 -8.50 -10.32 8.35
CA ARG A 86 -8.46 -9.23 9.32
C ARG A 86 -9.57 -9.38 10.35
N LYS A 87 -9.18 -9.62 11.60
CA LYS A 87 -10.15 -9.79 12.68
C LYS A 87 -11.12 -8.61 12.75
N THR A 88 -12.30 -8.84 13.32
CA THR A 88 -13.30 -7.80 13.44
C THR A 88 -14.00 -7.87 14.79
N GLY A 1 -11.02 30.81 0.08
CA GLY A 1 -11.94 31.51 1.01
C GLY A 1 -12.13 30.76 2.31
N PRO A 2 -13.29 30.92 2.96
CA PRO A 2 -13.58 30.24 4.23
C PRO A 2 -13.75 28.73 4.07
N GLY A 3 -12.68 28.07 3.66
CA GLY A 3 -12.73 26.63 3.46
C GLY A 3 -11.39 25.97 3.67
N MET A 4 -10.56 26.56 4.53
CA MET A 4 -9.23 26.02 4.81
C MET A 4 -9.27 25.13 6.05
N ALA A 5 -9.27 23.83 5.83
CA ALA A 5 -9.30 22.87 6.93
C ALA A 5 -8.30 21.73 6.69
N SER A 6 -7.51 21.42 7.71
CA SER A 6 -6.52 20.35 7.61
C SER A 6 -5.51 20.66 6.52
N SER A 7 -4.39 19.95 6.54
CA SER A 7 -3.34 20.13 5.55
C SER A 7 -3.48 19.14 4.41
N PRO A 8 -3.17 19.56 3.16
CA PRO A 8 -3.26 18.70 1.99
C PRO A 8 -2.49 17.39 2.17
N ARG A 9 -2.93 16.34 1.46
CA ARG A 9 -2.28 15.04 1.55
C ARG A 9 -2.18 14.40 0.17
N PRO A 10 -1.12 13.62 -0.07
CA PRO A 10 -0.90 12.94 -1.36
C PRO A 10 -1.90 11.80 -1.58
N LYS A 11 -1.83 11.20 -2.76
CA LYS A 11 -2.72 10.09 -3.11
C LYS A 11 -1.94 8.87 -3.60
N MET A 12 -0.67 9.09 -3.91
CA MET A 12 0.20 8.04 -4.40
C MET A 12 0.28 6.89 -3.41
N ASP A 13 0.21 7.22 -2.13
CA ASP A 13 0.28 6.21 -1.08
C ASP A 13 -0.90 5.24 -1.18
N ALA A 14 -2.07 5.77 -1.47
CA ALA A 14 -3.27 4.95 -1.59
C ALA A 14 -3.21 4.08 -2.83
N ILE A 15 -2.53 4.56 -3.86
CA ILE A 15 -2.38 3.79 -5.09
C ILE A 15 -1.73 2.46 -4.79
N LEU A 16 -0.72 2.49 -3.93
CA LEU A 16 -0.01 1.29 -3.51
C LEU A 16 -0.77 0.59 -2.39
N THR A 17 -1.49 1.36 -1.57
CA THR A 17 -2.25 0.77 -0.49
C THR A 17 -3.40 -0.05 -1.03
N GLU A 18 -3.91 0.36 -2.19
CA GLU A 18 -5.00 -0.34 -2.84
C GLU A 18 -4.53 -1.72 -3.32
N ALA A 19 -3.32 -1.78 -3.83
CA ALA A 19 -2.75 -3.03 -4.31
C ALA A 19 -2.65 -4.04 -3.16
N ILE A 20 -2.09 -3.60 -2.05
CA ILE A 20 -1.95 -4.46 -0.89
C ILE A 20 -3.29 -4.73 -0.23
N LYS A 21 -4.09 -3.68 -0.07
CA LYS A 21 -5.39 -3.82 0.56
C LYS A 21 -6.39 -4.60 -0.31
N ALA A 22 -6.55 -4.17 -1.56
CA ALA A 22 -7.50 -4.82 -2.47
C ALA A 22 -6.96 -6.11 -3.11
N CYS A 23 -5.71 -6.10 -3.53
CA CYS A 23 -5.12 -7.26 -4.20
C CYS A 23 -4.69 -8.36 -3.24
N PHE A 24 -3.84 -8.02 -2.28
CA PHE A 24 -3.33 -9.00 -1.31
C PHE A 24 -4.40 -10.02 -0.88
N GLN A 25 -5.66 -9.61 -0.90
CA GLN A 25 -6.75 -10.49 -0.51
C GLN A 25 -7.40 -11.12 -1.74
N LYS A 26 -7.67 -10.28 -2.73
CA LYS A 26 -8.30 -10.74 -3.96
C LYS A 26 -7.35 -11.58 -4.82
N SER A 27 -6.13 -11.08 -5.01
CA SER A 27 -5.15 -11.78 -5.83
C SER A 27 -3.88 -12.14 -5.06
N GLY A 28 -3.64 -11.46 -3.94
CA GLY A 28 -2.43 -11.74 -3.17
C GLY A 28 -1.26 -10.88 -3.62
N ALA A 29 -1.54 -9.59 -3.82
CA ALA A 29 -0.55 -8.60 -4.26
C ALA A 29 0.90 -9.07 -4.06
N SER A 30 1.69 -8.93 -5.12
CA SER A 30 3.09 -9.30 -5.10
C SER A 30 3.93 -8.20 -5.71
N VAL A 31 5.25 -8.36 -5.71
CA VAL A 31 6.13 -7.34 -6.28
C VAL A 31 5.71 -7.02 -7.72
N VAL A 32 5.37 -8.05 -8.47
CA VAL A 32 4.94 -7.89 -9.86
C VAL A 32 3.60 -7.17 -9.94
N ALA A 33 2.65 -7.60 -9.12
CA ALA A 33 1.32 -7.00 -9.11
C ALA A 33 1.39 -5.49 -8.90
N ILE A 34 2.15 -5.06 -7.92
CA ILE A 34 2.30 -3.64 -7.64
C ILE A 34 3.06 -2.95 -8.77
N ARG A 35 4.11 -3.62 -9.27
CA ARG A 35 4.90 -3.08 -10.38
C ARG A 35 4.06 -2.95 -11.62
N LYS A 36 3.42 -4.04 -12.02
CA LYS A 36 2.57 -4.04 -13.21
C LYS A 36 1.53 -2.95 -13.12
N TYR A 37 1.12 -2.62 -11.89
CA TYR A 37 0.13 -1.59 -11.67
C TYR A 37 0.66 -0.22 -12.09
N ILE A 38 1.85 0.13 -11.61
CA ILE A 38 2.43 1.41 -11.97
C ILE A 38 2.59 1.47 -13.49
N ILE A 39 2.91 0.32 -14.08
CA ILE A 39 3.09 0.22 -15.52
C ILE A 39 1.78 0.39 -16.27
N HIS A 40 0.78 -0.40 -15.89
CA HIS A 40 -0.51 -0.35 -16.53
C HIS A 40 -1.36 0.82 -16.06
N LYS A 41 -1.42 1.01 -14.74
CA LYS A 41 -2.24 2.09 -14.17
C LYS A 41 -1.63 3.48 -14.31
N TYR A 42 -0.31 3.61 -14.17
CA TYR A 42 0.31 4.94 -14.26
C TYR A 42 1.50 5.00 -15.23
N PRO A 43 1.94 6.23 -15.57
CA PRO A 43 3.08 6.46 -16.46
C PRO A 43 4.41 6.48 -15.71
N SER A 44 4.34 6.90 -14.45
CA SER A 44 5.50 6.98 -13.56
C SER A 44 6.31 5.68 -13.55
N LEU A 45 5.70 4.61 -14.05
CA LEU A 45 6.34 3.30 -14.07
C LEU A 45 7.76 3.35 -14.59
N GLU A 46 8.07 4.37 -15.39
CA GLU A 46 9.42 4.49 -15.92
C GLU A 46 10.44 4.46 -14.78
N LEU A 47 10.29 5.40 -13.87
CA LEU A 47 11.16 5.49 -12.70
C LEU A 47 10.78 4.42 -11.67
N GLU A 48 9.48 4.31 -11.39
CA GLU A 48 8.95 3.37 -10.42
C GLU A 48 9.28 1.92 -10.76
N ARG A 49 9.45 1.61 -12.03
CA ARG A 49 9.72 0.24 -12.44
C ARG A 49 10.97 -0.31 -11.81
N ARG A 50 11.83 0.56 -11.31
CA ARG A 50 13.02 0.09 -10.64
C ARG A 50 12.66 -0.30 -9.22
N GLY A 51 11.36 -0.61 -9.03
CA GLY A 51 10.87 -0.98 -7.72
C GLY A 51 11.43 -0.09 -6.65
N TYR A 52 11.66 1.16 -7.02
CA TYR A 52 12.25 2.12 -6.09
C TYR A 52 11.20 2.65 -5.12
N LEU A 53 10.18 3.29 -5.66
CA LEU A 53 9.13 3.86 -4.84
C LEU A 53 8.08 2.82 -4.44
N LEU A 54 7.63 2.06 -5.44
CA LEU A 54 6.58 1.06 -5.23
C LEU A 54 7.06 -0.22 -4.57
N LYS A 55 8.13 -0.82 -5.07
CA LYS A 55 8.63 -2.05 -4.48
C LYS A 55 9.13 -1.78 -3.08
N GLN A 56 9.82 -0.66 -2.91
CA GLN A 56 10.32 -0.29 -1.61
C GLN A 56 9.18 -0.16 -0.62
N ALA A 57 8.11 0.47 -1.05
CA ALA A 57 6.94 0.63 -0.20
C ALA A 57 6.22 -0.69 -0.02
N LEU A 58 5.93 -1.36 -1.12
CA LEU A 58 5.26 -2.65 -1.07
C LEU A 58 6.11 -3.66 -0.33
N LYS A 59 7.36 -3.82 -0.79
CA LYS A 59 8.28 -4.76 -0.17
C LYS A 59 8.68 -4.33 1.24
N ARG A 60 8.73 -3.02 1.53
CA ARG A 60 9.11 -2.60 2.89
C ARG A 60 8.14 -3.15 3.91
N GLU A 61 6.86 -3.18 3.54
CA GLU A 61 5.83 -3.71 4.43
C GLU A 61 6.00 -5.20 4.60
N LEU A 62 6.09 -5.91 3.48
CA LEU A 62 6.28 -7.35 3.51
C LEU A 62 7.65 -7.69 4.11
N ASN A 63 8.63 -6.83 3.83
CA ASN A 63 9.97 -7.03 4.35
C ASN A 63 9.99 -6.86 5.86
N ARG A 64 9.10 -6.02 6.37
CA ARG A 64 9.02 -5.79 7.81
C ARG A 64 8.71 -7.09 8.54
N GLY A 65 7.73 -7.81 8.02
CA GLY A 65 7.33 -9.06 8.61
C GLY A 65 6.14 -9.65 7.91
N VAL A 66 6.06 -9.42 6.61
CA VAL A 66 4.96 -9.91 5.80
C VAL A 66 3.62 -9.42 6.36
N ILE A 67 3.66 -8.34 7.12
CA ILE A 67 2.45 -7.78 7.72
C ILE A 67 2.65 -6.31 8.07
N LYS A 68 1.54 -5.61 8.29
CA LYS A 68 1.58 -4.19 8.64
C LYS A 68 0.18 -3.63 8.80
N GLN A 69 -0.57 -3.62 7.71
CA GLN A 69 -1.95 -3.13 7.73
C GLN A 69 -2.93 -4.28 7.90
N VAL A 70 -2.44 -5.42 8.38
CA VAL A 70 -3.29 -6.58 8.60
C VAL A 70 -3.58 -6.75 10.10
N LYS A 71 -2.78 -7.56 10.78
CA LYS A 71 -2.95 -7.79 12.22
C LYS A 71 -4.37 -8.24 12.53
N GLY A 72 -4.60 -8.63 13.79
CA GLY A 72 -5.91 -9.08 14.20
C GLY A 72 -6.89 -7.94 14.36
N LYS A 73 -7.97 -8.17 15.11
CA LYS A 73 -8.98 -7.16 15.33
C LYS A 73 -9.26 -7.00 16.82
N GLY A 74 -9.74 -5.82 17.20
CA GLY A 74 -10.06 -5.56 18.59
C GLY A 74 -8.83 -5.65 19.48
N ALA A 75 -8.73 -6.76 20.22
CA ALA A 75 -7.59 -6.97 21.12
C ALA A 75 -6.27 -6.73 20.40
N SER A 76 -6.28 -6.95 19.09
CA SER A 76 -5.09 -6.76 18.26
C SER A 76 -4.91 -5.29 17.93
N GLY A 77 -4.15 -5.01 16.87
CA GLY A 77 -3.91 -3.63 16.46
C GLY A 77 -5.18 -2.79 16.43
N SER A 78 -6.33 -3.45 16.27
CA SER A 78 -7.61 -2.76 16.23
C SER A 78 -7.71 -1.88 14.98
N PHE A 79 -7.57 -2.51 13.82
CA PHE A 79 -7.64 -1.79 12.55
C PHE A 79 -7.85 -2.78 11.40
N VAL A 80 -6.79 -3.53 11.08
CA VAL A 80 -6.83 -4.52 10.01
C VAL A 80 -7.78 -4.13 8.88
N VAL A 81 -7.45 -3.05 8.18
CA VAL A 81 -8.27 -2.58 7.07
C VAL A 81 -7.81 -3.17 5.75
N VAL A 82 -7.27 -4.38 5.79
CA VAL A 82 -6.79 -5.05 4.60
C VAL A 82 -7.94 -5.67 3.82
N GLN A 83 -7.61 -6.27 2.68
CA GLN A 83 -8.62 -6.92 1.83
C GLN A 83 -9.54 -5.89 1.20
N LYS A 84 -10.39 -5.30 2.02
CA LYS A 84 -11.34 -4.31 1.56
C LYS A 84 -11.98 -3.58 2.73
N SER A 85 -12.79 -4.30 3.48
CA SER A 85 -13.47 -3.73 4.65
C SER A 85 -13.33 -4.65 5.85
N ARG A 86 -12.20 -5.33 5.95
CA ARG A 86 -11.95 -6.24 7.07
C ARG A 86 -12.02 -5.48 8.39
N LYS A 87 -13.01 -5.84 9.21
CA LYS A 87 -13.19 -5.20 10.51
C LYS A 87 -13.28 -3.68 10.36
N THR A 88 -14.50 -3.17 10.28
CA THR A 88 -14.72 -1.74 10.13
C THR A 88 -15.30 -1.14 11.41
N GLY A 1 -5.61 20.10 14.01
CA GLY A 1 -4.44 20.99 14.23
C GLY A 1 -4.21 21.28 15.71
N PRO A 2 -3.71 20.30 16.48
CA PRO A 2 -3.45 20.47 17.91
C PRO A 2 -2.26 21.39 18.17
N GLY A 3 -1.26 21.32 17.30
CA GLY A 3 -0.08 22.16 17.46
C GLY A 3 0.94 21.94 16.36
N MET A 4 2.00 21.23 16.68
CA MET A 4 3.06 20.95 15.70
C MET A 4 2.72 19.71 14.87
N ALA A 5 2.49 19.92 13.59
CA ALA A 5 2.15 18.82 12.68
C ALA A 5 3.39 18.31 11.96
N SER A 6 3.43 17.00 11.74
CA SER A 6 4.57 16.37 11.06
C SER A 6 4.63 16.81 9.60
N SER A 7 5.51 16.16 8.84
CA SER A 7 5.66 16.47 7.42
C SER A 7 4.39 16.15 6.65
N PRO A 8 4.18 16.80 5.49
CA PRO A 8 3.00 16.58 4.66
C PRO A 8 2.78 15.09 4.34
N ARG A 9 1.53 14.73 4.08
CA ARG A 9 1.19 13.34 3.78
C ARG A 9 0.67 13.23 2.33
N PRO A 10 1.44 12.58 1.44
CA PRO A 10 1.04 12.40 0.04
C PRO A 10 -0.16 11.48 -0.11
N LYS A 11 -0.48 11.13 -1.35
CA LYS A 11 -1.62 10.25 -1.63
C LYS A 11 -1.19 9.07 -2.50
N MET A 12 -0.05 9.21 -3.16
CA MET A 12 0.48 8.18 -4.02
C MET A 12 0.69 6.88 -3.27
N ASP A 13 1.15 6.99 -2.03
CA ASP A 13 1.39 5.82 -1.20
C ASP A 13 0.09 5.08 -0.92
N ALA A 14 -1.00 5.83 -0.76
CA ALA A 14 -2.31 5.23 -0.49
C ALA A 14 -2.82 4.47 -1.70
N ILE A 15 -2.45 4.93 -2.89
CA ILE A 15 -2.86 4.27 -4.12
C ILE A 15 -2.41 2.82 -4.11
N LEU A 16 -1.17 2.61 -3.65
CA LEU A 16 -0.62 1.27 -3.56
C LEU A 16 -1.03 0.61 -2.25
N THR A 17 -1.32 1.42 -1.22
CA THR A 17 -1.75 0.89 0.06
C THR A 17 -3.07 0.15 -0.12
N GLU A 18 -3.86 0.66 -1.05
CA GLU A 18 -5.14 0.07 -1.37
C GLU A 18 -4.93 -1.27 -2.04
N ALA A 19 -3.92 -1.34 -2.89
CA ALA A 19 -3.60 -2.58 -3.60
C ALA A 19 -3.30 -3.67 -2.60
N ILE A 20 -2.64 -3.31 -1.51
CA ILE A 20 -2.32 -4.27 -0.47
C ILE A 20 -3.57 -4.70 0.29
N LYS A 21 -4.34 -3.73 0.74
CA LYS A 21 -5.56 -4.02 1.50
C LYS A 21 -6.65 -4.63 0.62
N ALA A 22 -6.99 -3.97 -0.48
CA ALA A 22 -8.04 -4.44 -1.37
C ALA A 22 -7.61 -5.56 -2.31
N CYS A 23 -6.43 -5.43 -2.91
CA CYS A 23 -5.95 -6.43 -3.86
C CYS A 23 -5.39 -7.69 -3.19
N PHE A 24 -4.36 -7.52 -2.36
CA PHE A 24 -3.73 -8.66 -1.69
C PHE A 24 -4.73 -9.73 -1.28
N GLN A 25 -5.94 -9.32 -0.94
CA GLN A 25 -6.97 -10.24 -0.52
C GLN A 25 -7.81 -10.71 -1.69
N LYS A 26 -8.27 -9.77 -2.49
CA LYS A 26 -9.09 -10.09 -3.65
C LYS A 26 -8.29 -10.76 -4.77
N SER A 27 -7.15 -10.16 -5.13
CA SER A 27 -6.33 -10.71 -6.21
C SER A 27 -4.91 -11.07 -5.76
N GLY A 28 -4.47 -10.53 -4.64
CA GLY A 28 -3.12 -10.81 -4.16
C GLY A 28 -2.15 -9.71 -4.57
N ALA A 29 -1.20 -9.38 -3.70
CA ALA A 29 -0.24 -8.32 -3.98
C ALA A 29 1.20 -8.81 -3.88
N SER A 30 1.94 -8.68 -4.97
CA SER A 30 3.34 -9.08 -5.01
C SER A 30 4.18 -8.00 -5.69
N VAL A 31 5.48 -8.19 -5.72
CA VAL A 31 6.39 -7.21 -6.34
C VAL A 31 5.97 -6.92 -7.78
N VAL A 32 5.68 -7.99 -8.53
CA VAL A 32 5.27 -7.85 -9.92
C VAL A 32 3.91 -7.17 -10.04
N ALA A 33 3.01 -7.49 -9.11
CA ALA A 33 1.67 -6.90 -9.12
C ALA A 33 1.76 -5.38 -9.10
N ILE A 34 2.60 -4.85 -8.22
CA ILE A 34 2.77 -3.40 -8.11
C ILE A 34 3.51 -2.85 -9.33
N ARG A 35 4.55 -3.56 -9.77
CA ARG A 35 5.32 -3.12 -10.92
C ARG A 35 4.45 -3.10 -12.17
N LYS A 36 3.79 -4.21 -12.45
CA LYS A 36 2.92 -4.29 -13.61
C LYS A 36 1.83 -3.23 -13.52
N TYR A 37 1.45 -2.88 -12.30
CA TYR A 37 0.43 -1.87 -12.07
C TYR A 37 0.92 -0.51 -12.53
N ILE A 38 2.09 -0.09 -12.07
CA ILE A 38 2.62 1.20 -12.49
C ILE A 38 2.78 1.22 -14.00
N ILE A 39 3.18 0.09 -14.55
CA ILE A 39 3.38 -0.04 -15.99
C ILE A 39 2.06 0.01 -16.75
N HIS A 40 1.10 -0.79 -16.30
CA HIS A 40 -0.21 -0.86 -16.94
C HIS A 40 -1.11 0.31 -16.54
N LYS A 41 -1.19 0.58 -15.24
CA LYS A 41 -2.06 1.64 -14.76
C LYS A 41 -1.52 3.06 -14.99
N TYR A 42 -0.22 3.28 -14.80
CA TYR A 42 0.33 4.63 -14.97
C TYR A 42 1.57 4.69 -15.88
N PRO A 43 1.97 5.90 -16.28
CA PRO A 43 3.14 6.13 -17.13
C PRO A 43 4.42 6.26 -16.30
N SER A 44 4.26 6.73 -15.07
CA SER A 44 5.35 6.91 -14.11
C SER A 44 6.22 5.66 -14.02
N LEU A 45 5.70 4.53 -14.49
CA LEU A 45 6.41 3.26 -14.42
C LEU A 45 7.87 3.39 -14.85
N GLU A 46 8.16 4.37 -15.70
CA GLU A 46 9.53 4.57 -16.16
C GLU A 46 10.47 4.72 -14.96
N LEU A 47 10.20 5.70 -14.14
CA LEU A 47 10.99 5.95 -12.93
C LEU A 47 10.67 4.92 -11.85
N GLU A 48 9.37 4.73 -11.62
CA GLU A 48 8.88 3.80 -10.60
C GLU A 48 9.35 2.37 -10.83
N ARG A 49 9.58 2.00 -12.07
CA ARG A 49 10.00 0.63 -12.39
C ARG A 49 11.24 0.22 -11.62
N ARG A 50 11.98 1.17 -11.11
CA ARG A 50 13.15 0.84 -10.33
C ARG A 50 12.72 0.38 -8.95
N GLY A 51 11.46 -0.07 -8.86
CA GLY A 51 10.91 -0.54 -7.59
C GLY A 51 11.29 0.40 -6.47
N TYR A 52 11.38 1.68 -6.81
CA TYR A 52 11.76 2.68 -5.83
C TYR A 52 10.60 3.06 -4.93
N LEU A 53 9.55 3.55 -5.52
CA LEU A 53 8.37 3.96 -4.77
C LEU A 53 7.46 2.79 -4.43
N LEU A 54 7.16 1.98 -5.43
CA LEU A 54 6.25 0.85 -5.26
C LEU A 54 6.87 -0.35 -4.56
N LYS A 55 8.04 -0.81 -5.00
CA LYS A 55 8.67 -1.95 -4.38
C LYS A 55 9.01 -1.64 -2.94
N GLN A 56 9.51 -0.43 -2.70
CA GLN A 56 9.86 -0.03 -1.36
C GLN A 56 8.63 -0.11 -0.47
N ALA A 57 7.51 0.39 -0.97
CA ALA A 57 6.28 0.35 -0.21
C ALA A 57 5.73 -1.05 -0.11
N LEU A 58 5.62 -1.73 -1.25
CA LEU A 58 5.13 -3.10 -1.29
C LEU A 58 6.05 -4.00 -0.49
N LYS A 59 7.32 -3.97 -0.84
CA LYS A 59 8.32 -4.81 -0.19
C LYS A 59 8.57 -4.37 1.25
N ARG A 60 8.44 -3.08 1.58
CA ARG A 60 8.67 -2.65 2.96
C ARG A 60 7.70 -3.34 3.90
N GLU A 61 6.47 -3.53 3.44
CA GLU A 61 5.46 -4.19 4.23
C GLU A 61 5.79 -5.67 4.37
N LEU A 62 6.01 -6.33 3.24
CA LEU A 62 6.36 -7.73 3.25
C LEU A 62 7.70 -7.94 3.93
N ASN A 63 8.60 -6.97 3.77
CA ASN A 63 9.92 -7.04 4.39
C ASN A 63 9.82 -6.88 5.90
N ARG A 64 8.77 -6.21 6.35
CA ARG A 64 8.58 -5.99 7.78
C ARG A 64 8.14 -7.28 8.46
N GLY A 65 7.27 -8.02 7.81
CA GLY A 65 6.79 -9.27 8.35
C GLY A 65 5.79 -9.93 7.42
N VAL A 66 6.06 -9.84 6.12
CA VAL A 66 5.18 -10.41 5.10
C VAL A 66 3.74 -9.96 5.29
N ILE A 67 3.57 -8.81 5.92
CA ILE A 67 2.25 -8.23 6.16
C ILE A 67 2.38 -6.87 6.83
N LYS A 68 3.36 -6.74 7.71
CA LYS A 68 3.61 -5.49 8.43
C LYS A 68 2.51 -5.22 9.46
N GLN A 69 1.41 -4.60 9.02
CA GLN A 69 0.30 -4.29 9.92
C GLN A 69 -0.72 -3.37 9.24
N VAL A 70 -1.95 -3.85 9.09
CA VAL A 70 -3.02 -3.08 8.49
C VAL A 70 -4.11 -2.76 9.50
N LYS A 71 -3.75 -2.80 10.78
CA LYS A 71 -4.69 -2.54 11.86
C LYS A 71 -4.04 -2.77 13.22
N GLY A 72 -4.44 -2.00 14.22
CA GLY A 72 -3.87 -2.15 15.55
C GLY A 72 -4.09 -3.55 16.12
N LYS A 73 -3.11 -4.01 16.91
CA LYS A 73 -3.21 -5.33 17.53
C LYS A 73 -3.62 -5.22 18.99
N GLY A 74 -4.70 -4.48 19.22
CA GLY A 74 -5.20 -4.29 20.57
C GLY A 74 -6.47 -3.47 20.60
N ALA A 75 -6.35 -2.19 20.89
CA ALA A 75 -7.50 -1.31 20.93
C ALA A 75 -8.24 -1.33 19.60
N SER A 76 -7.52 -1.68 18.54
CA SER A 76 -8.08 -1.75 17.20
C SER A 76 -8.73 -3.11 16.98
N GLY A 77 -8.87 -3.51 15.73
CA GLY A 77 -9.47 -4.79 15.41
C GLY A 77 -8.55 -5.97 15.69
N SER A 78 -7.95 -5.97 16.87
CA SER A 78 -7.04 -7.05 17.26
C SER A 78 -5.99 -7.32 16.18
N PHE A 79 -5.32 -8.46 16.27
CA PHE A 79 -4.30 -8.83 15.29
C PHE A 79 -4.79 -8.62 13.87
N VAL A 80 -3.92 -8.14 13.00
CA VAL A 80 -4.28 -7.88 11.62
C VAL A 80 -3.49 -8.76 10.67
N VAL A 81 -4.11 -9.09 9.54
CA VAL A 81 -3.46 -9.93 8.52
C VAL A 81 -3.80 -9.42 7.13
N VAL A 82 -3.59 -8.12 6.92
CA VAL A 82 -3.87 -7.48 5.63
C VAL A 82 -5.34 -7.63 5.29
N GLN A 83 -5.69 -7.35 4.03
CA GLN A 83 -7.07 -7.45 3.56
C GLN A 83 -7.96 -6.44 4.28
N LYS A 84 -8.22 -6.70 5.54
CA LYS A 84 -9.05 -5.82 6.36
C LYS A 84 -9.13 -6.31 7.80
N SER A 85 -9.89 -7.38 8.01
CA SER A 85 -10.04 -7.96 9.32
C SER A 85 -10.26 -9.46 9.24
N ARG A 86 -9.46 -10.12 8.40
CA ARG A 86 -9.58 -11.56 8.23
C ARG A 86 -8.95 -12.29 9.42
N LYS A 87 -9.39 -11.95 10.62
CA LYS A 87 -8.88 -12.57 11.83
C LYS A 87 -9.97 -12.71 12.88
N THR A 88 -9.82 -13.70 13.76
CA THR A 88 -10.79 -13.95 14.83
C THR A 88 -12.22 -13.90 14.29
N GLY A 1 -24.19 12.37 7.46
CA GLY A 1 -24.41 12.35 5.98
C GLY A 1 -23.20 12.84 5.21
N PRO A 2 -23.11 12.51 3.91
CA PRO A 2 -21.97 12.93 3.07
C PRO A 2 -21.74 14.43 3.13
N GLY A 3 -20.62 14.82 3.74
CA GLY A 3 -20.30 16.23 3.85
C GLY A 3 -18.81 16.47 4.03
N MET A 4 -18.02 15.92 3.11
CA MET A 4 -16.57 16.07 3.16
C MET A 4 -15.99 15.45 4.44
N ALA A 5 -15.09 14.49 4.27
CA ALA A 5 -14.47 13.82 5.41
C ALA A 5 -13.18 14.51 5.82
N SER A 6 -12.58 15.24 4.89
CA SER A 6 -11.33 15.96 5.15
C SER A 6 -10.88 16.72 3.91
N SER A 7 -9.77 17.44 4.04
CA SER A 7 -9.23 18.22 2.93
C SER A 7 -8.47 17.32 1.96
N PRO A 8 -8.32 17.76 0.70
CA PRO A 8 -7.61 17.00 -0.33
C PRO A 8 -6.22 16.56 0.12
N ARG A 9 -5.87 15.31 -0.16
CA ARG A 9 -4.58 14.77 0.22
C ARG A 9 -3.99 13.92 -0.91
N PRO A 10 -2.70 13.54 -0.80
CA PRO A 10 -2.03 12.72 -1.81
C PRO A 10 -2.83 11.47 -2.17
N LYS A 11 -2.50 10.87 -3.31
CA LYS A 11 -3.19 9.67 -3.75
C LYS A 11 -2.20 8.58 -4.16
N MET A 12 -0.92 8.94 -4.20
CA MET A 12 0.13 8.01 -4.57
C MET A 12 0.34 6.95 -3.50
N ASP A 13 0.18 7.34 -2.24
CA ASP A 13 0.33 6.41 -1.14
C ASP A 13 -0.87 5.47 -1.06
N ALA A 14 -2.04 6.03 -1.32
CA ALA A 14 -3.28 5.27 -1.28
C ALA A 14 -3.47 4.41 -2.53
N ILE A 15 -2.91 4.86 -3.65
CA ILE A 15 -3.04 4.11 -4.90
C ILE A 15 -2.49 2.69 -4.71
N LEU A 16 -1.37 2.59 -4.00
CA LEU A 16 -0.76 1.30 -3.75
C LEU A 16 -1.37 0.65 -2.51
N THR A 17 -1.89 1.48 -1.59
CA THR A 17 -2.52 0.95 -0.40
C THR A 17 -3.76 0.17 -0.79
N GLU A 18 -4.41 0.64 -1.86
CA GLU A 18 -5.60 0.00 -2.38
C GLU A 18 -5.25 -1.36 -2.98
N ALA A 19 -4.05 -1.45 -3.54
CA ALA A 19 -3.59 -2.70 -4.13
C ALA A 19 -3.43 -3.77 -3.06
N ILE A 20 -2.71 -3.45 -2.01
CA ILE A 20 -2.51 -4.40 -0.93
C ILE A 20 -3.83 -4.71 -0.24
N LYS A 21 -4.60 -3.69 0.08
CA LYS A 21 -5.88 -3.90 0.74
C LYS A 21 -6.92 -4.54 -0.19
N ALA A 22 -7.14 -3.94 -1.35
CA ALA A 22 -8.13 -4.43 -2.30
C ALA A 22 -7.64 -5.60 -3.16
N CYS A 23 -6.41 -5.52 -3.66
CA CYS A 23 -5.86 -6.55 -4.52
C CYS A 23 -5.44 -7.80 -3.76
N PHE A 24 -4.60 -7.64 -2.74
CA PHE A 24 -4.12 -8.78 -1.96
C PHE A 24 -5.21 -9.81 -1.72
N GLN A 25 -6.45 -9.34 -1.61
CA GLN A 25 -7.58 -10.21 -1.38
C GLN A 25 -8.12 -10.77 -2.69
N LYS A 26 -8.41 -9.87 -3.61
CA LYS A 26 -8.98 -10.24 -4.90
C LYS A 26 -7.96 -10.94 -5.82
N SER A 27 -6.77 -10.36 -5.96
CA SER A 27 -5.75 -10.94 -6.84
C SER A 27 -4.44 -11.29 -6.11
N GLY A 28 -4.22 -10.68 -4.94
CA GLY A 28 -2.99 -10.95 -4.21
C GLY A 28 -1.98 -9.82 -4.42
N ALA A 29 -1.21 -9.52 -3.38
CA ALA A 29 -0.22 -8.44 -3.47
C ALA A 29 1.21 -8.96 -3.47
N SER A 30 1.88 -8.80 -4.61
CA SER A 30 3.25 -9.24 -4.76
C SER A 30 4.08 -8.14 -5.45
N VAL A 31 5.39 -8.35 -5.55
CA VAL A 31 6.26 -7.38 -6.19
C VAL A 31 5.76 -7.03 -7.59
N VAL A 32 5.34 -8.06 -8.33
CA VAL A 32 4.85 -7.88 -9.69
C VAL A 32 3.53 -7.10 -9.69
N ALA A 33 2.68 -7.36 -8.71
CA ALA A 33 1.39 -6.69 -8.61
C ALA A 33 1.57 -5.18 -8.64
N ILE A 34 2.50 -4.68 -7.83
CA ILE A 34 2.77 -3.25 -7.77
C ILE A 34 3.43 -2.77 -9.05
N ARG A 35 4.40 -3.55 -9.54
CA ARG A 35 5.11 -3.20 -10.76
C ARG A 35 4.15 -3.10 -11.93
N LYS A 36 3.40 -4.17 -12.16
CA LYS A 36 2.44 -4.19 -13.26
C LYS A 36 1.43 -3.07 -13.11
N TYR A 37 1.15 -2.69 -11.87
CA TYR A 37 0.21 -1.61 -11.60
C TYR A 37 0.78 -0.27 -12.03
N ILE A 38 2.03 0.01 -11.66
CA ILE A 38 2.63 1.26 -12.07
C ILE A 38 2.76 1.29 -13.58
N ILE A 39 3.13 0.15 -14.16
CA ILE A 39 3.31 0.03 -15.59
C ILE A 39 1.97 0.18 -16.34
N HIS A 40 0.99 -0.62 -15.93
CA HIS A 40 -0.32 -0.60 -16.57
C HIS A 40 -1.17 0.57 -16.08
N LYS A 41 -1.21 0.77 -14.76
CA LYS A 41 -2.05 1.82 -14.19
C LYS A 41 -1.46 3.23 -14.33
N TYR A 42 -0.13 3.38 -14.23
CA TYR A 42 0.45 4.73 -14.31
C TYR A 42 1.61 4.83 -15.30
N PRO A 43 1.99 6.07 -15.68
CA PRO A 43 3.09 6.33 -16.59
C PRO A 43 4.44 6.41 -15.85
N SER A 44 4.36 6.84 -14.59
CA SER A 44 5.53 6.97 -13.71
C SER A 44 6.37 5.70 -13.69
N LEU A 45 5.79 4.60 -14.16
CA LEU A 45 6.45 3.31 -14.17
C LEU A 45 7.87 3.41 -14.69
N GLU A 46 8.14 4.41 -15.52
CA GLU A 46 9.48 4.58 -16.06
C GLU A 46 10.50 4.61 -14.92
N LEU A 47 10.33 5.57 -14.03
CA LEU A 47 11.19 5.71 -12.87
C LEU A 47 10.88 4.66 -11.82
N GLU A 48 9.59 4.49 -11.53
CA GLU A 48 9.12 3.54 -10.53
C GLU A 48 9.51 2.10 -10.85
N ARG A 49 9.68 1.80 -12.13
CA ARG A 49 10.02 0.43 -12.54
C ARG A 49 11.25 -0.08 -11.82
N ARG A 50 12.07 0.82 -11.32
CA ARG A 50 13.24 0.40 -10.59
C ARG A 50 12.83 -0.04 -9.19
N GLY A 51 11.56 -0.42 -9.06
CA GLY A 51 11.03 -0.85 -7.77
C GLY A 51 11.50 0.07 -6.67
N TYR A 52 11.64 1.34 -7.02
CA TYR A 52 12.12 2.32 -6.06
C TYR A 52 11.02 2.76 -5.11
N LEU A 53 9.96 3.32 -5.67
CA LEU A 53 8.85 3.80 -4.85
C LEU A 53 7.89 2.68 -4.48
N LEU A 54 7.51 1.87 -5.46
CA LEU A 54 6.55 0.78 -5.24
C LEU A 54 7.14 -0.44 -4.55
N LYS A 55 8.27 -0.95 -5.05
CA LYS A 55 8.86 -2.13 -4.44
C LYS A 55 9.30 -1.82 -3.03
N GLN A 56 9.88 -0.63 -2.84
CA GLN A 56 10.32 -0.22 -1.52
C GLN A 56 9.13 -0.21 -0.58
N ALA A 57 8.02 0.33 -1.03
CA ALA A 57 6.82 0.40 -0.22
C ALA A 57 6.20 -0.99 -0.05
N LEU A 58 6.00 -1.68 -1.16
CA LEU A 58 5.43 -3.02 -1.12
C LEU A 58 6.34 -3.96 -0.37
N LYS A 59 7.60 -4.01 -0.81
CA LYS A 59 8.59 -4.88 -0.19
C LYS A 59 8.93 -4.42 1.24
N ARG A 60 8.87 -3.12 1.53
CA ARG A 60 9.18 -2.68 2.90
C ARG A 60 8.24 -3.33 3.89
N GLU A 61 7.00 -3.52 3.47
CA GLU A 61 6.00 -4.15 4.31
C GLU A 61 6.30 -5.62 4.48
N LEU A 62 6.49 -6.30 3.34
CA LEU A 62 6.82 -7.72 3.35
C LEU A 62 8.19 -7.93 3.99
N ASN A 63 9.09 -6.97 3.79
CA ASN A 63 10.42 -7.05 4.35
C ASN A 63 10.39 -6.86 5.86
N ARG A 64 9.37 -6.16 6.35
CA ARG A 64 9.22 -5.92 7.78
C ARG A 64 8.79 -7.19 8.49
N GLY A 65 7.87 -7.92 7.89
CA GLY A 65 7.39 -9.15 8.48
C GLY A 65 6.43 -9.89 7.57
N VAL A 66 6.70 -9.81 6.27
CA VAL A 66 5.87 -10.46 5.26
C VAL A 66 4.39 -10.14 5.44
N ILE A 67 4.11 -9.00 6.07
CA ILE A 67 2.74 -8.55 6.30
C ILE A 67 2.72 -7.17 6.96
N LYS A 68 1.52 -6.63 7.15
CA LYS A 68 1.37 -5.31 7.77
C LYS A 68 -0.10 -4.98 7.96
N GLN A 69 -0.81 -4.81 6.86
CA GLN A 69 -2.23 -4.48 6.90
C GLN A 69 -3.08 -5.69 6.50
N VAL A 70 -2.46 -6.66 5.84
CA VAL A 70 -3.17 -7.86 5.41
C VAL A 70 -3.03 -8.98 6.44
N LYS A 71 -2.68 -8.59 7.68
CA LYS A 71 -2.52 -9.55 8.75
C LYS A 71 -3.81 -10.31 9.01
N GLY A 72 -3.93 -10.91 10.20
CA GLY A 72 -5.10 -11.66 10.55
C GLY A 72 -5.68 -11.25 11.89
N LYS A 73 -6.45 -12.13 12.49
CA LYS A 73 -7.07 -11.85 13.78
C LYS A 73 -6.58 -12.82 14.85
N GLY A 74 -6.31 -12.28 16.03
CA GLY A 74 -5.84 -13.10 17.15
C GLY A 74 -4.55 -13.83 16.84
N ALA A 75 -4.65 -15.14 16.61
CA ALA A 75 -3.49 -15.97 16.31
C ALA A 75 -2.54 -15.29 15.32
N SER A 76 -3.11 -14.48 14.44
CA SER A 76 -2.32 -13.77 13.44
C SER A 76 -1.87 -12.41 13.99
N GLY A 77 -1.53 -11.49 13.09
CA GLY A 77 -1.07 -10.17 13.50
C GLY A 77 -1.94 -9.57 14.60
N SER A 78 -3.20 -9.99 14.66
CA SER A 78 -4.13 -9.49 15.67
C SER A 78 -4.50 -8.03 15.40
N PHE A 79 -5.16 -7.80 14.27
CA PHE A 79 -5.57 -6.45 13.89
C PHE A 79 -6.44 -6.48 12.62
N VAL A 80 -5.80 -6.74 11.48
CA VAL A 80 -6.52 -6.78 10.21
C VAL A 80 -6.70 -8.22 9.73
N VAL A 81 -7.66 -8.42 8.83
CA VAL A 81 -7.93 -9.73 8.27
C VAL A 81 -8.39 -9.61 6.82
N VAL A 82 -7.44 -9.58 5.90
CA VAL A 82 -7.73 -9.45 4.47
C VAL A 82 -8.74 -8.33 4.21
N GLN A 83 -9.18 -8.20 2.97
CA GLN A 83 -10.14 -7.17 2.59
C GLN A 83 -11.58 -7.59 2.82
N LYS A 84 -12.05 -8.48 1.97
CA LYS A 84 -13.42 -8.99 2.05
C LYS A 84 -13.80 -9.34 3.47
N SER A 85 -12.81 -9.78 4.24
CA SER A 85 -13.03 -10.16 5.62
C SER A 85 -12.21 -9.29 6.55
N ARG A 86 -11.97 -8.06 6.12
CA ARG A 86 -11.18 -7.11 6.92
C ARG A 86 -11.80 -6.92 8.30
N LYS A 87 -11.13 -7.44 9.32
CA LYS A 87 -11.61 -7.33 10.69
C LYS A 87 -11.65 -5.87 11.14
N THR A 88 -12.54 -5.57 12.08
CA THR A 88 -12.67 -4.21 12.59
C THR A 88 -11.65 -3.94 13.69
#